data_1ILX
#
_entry.id   1ILX
#
_cell.length_a   130.010
_cell.length_b   226.720
_cell.length_c   308.290
_cell.angle_alpha   90.0
_cell.angle_beta   90.0
_cell.angle_gamma   90.0
#
_symmetry.space_group_name_H-M   'P 21 21 21'
#
loop_
_entity.id
_entity.type
_entity.pdbx_description
1 polymer 'PHOTOSYSTEM II: SUBUNIT PSBA'
2 polymer 'PHOTOSYSTEM II: SUBUNIT PSBD'
3 polymer 'PHOTOSYSTEM II: SUBUNIT PSBC'
4 polymer 'PHOTOSYSTEM II: SUBUNIT PSBB'
5 polymer 'PHOTOSYSTEM II: SUBUNIT PSBE'
6 polymer 'PHOTOSYSTEM II: SUBUNIT PSBF'
7 polymer 'PHOTOSYSTEM II: SUBUNIT UNKNOWN'
8 polymer 'PHOTOSYSTEM II: SUBUNIT PSBO'
9 polymer 'PHOTOSYSTEM II: SUBUNIT PSBV'
10 non-polymer 'MANGANESE (II) ION'
11 non-polymer 'CHLOROPHYLL A'
12 non-polymer 'PHEOPHYTIN A'
13 non-polymer 'FE (III) ION'
14 non-polymer 2,3-DIMETHYL-5-(3,7,11,15,19,23,27,31,35-NONAMETHYL-2,6,10,14,18,22,26,30,34-HEXATRIACONTANONAENYL-2,5-CYCLOHEXADIENE-1,4-DIONE-2,3-DIMETHYL-5-SOLANESYL-1,4-BENZOQUINONE
15 non-polymer 'PROTOPORPHYRIN IX CONTAINING FE'
16 non-polymer 'CADMIUM ION'
#
loop_
_entity_poly.entity_id
_entity_poly.type
_entity_poly.pdbx_seq_one_letter_code
_entity_poly.pdbx_strand_id
1 'polypeptide(L)'
;(UNK)(UNK)(UNK)(UNK)(UNK)(UNK)(UNK)(UNK)(UNK)(UNK)(UNK)(UNK)(UNK)(UNK)(UNK)(UNK)
(UNK)(UNK)(UNK)(UNK)(UNK)(UNK)(UNK)(UNK)(UNK)(UNK)(UNK)(UNK)(UNK)(UNK)(UNK)(UNK)
(UNK)(UNK)(UNK)(UNK)(UNK)(UNK)(UNK)(UNK)(UNK)(UNK)(UNK)(UNK)(UNK)(UNK)(UNK)(UNK)
(UNK)(UNK)(UNK)(UNK)(UNK)(UNK)(UNK)(UNK)(UNK)(UNK)(UNK)(UNK)(UNK)(UNK)(UNK)(UNK)
(UNK)(UNK)(UNK)(UNK)(UNK)(UNK)(UNK)(UNK)(UNK)(UNK)(UNK)(UNK)(UNK)(UNK)(UNK)(UNK)
(UNK)(UNK)(UNK)(UNK)(UNK)(UNK)(UNK)(UNK)(UNK)(UNK)(UNK)(UNK)(UNK)(UNK)(UNK)(UNK)
(UNK)(UNK)(UNK)(UNK)(UNK)(UNK)(UNK)(UNK)(UNK)(UNK)(UNK)(UNK)(UNK)(UNK)(UNK)(UNK)
(UNK)(UNK)(UNK)(UNK)(UNK)(UNK)(UNK)(UNK)(UNK)(UNK)(UNK)(UNK)(UNK)(UNK)(UNK)(UNK)
(UNK)(UNK)(UNK)(UNK)(UNK)(UNK)(UNK)(UNK)(UNK)(UNK)(UNK)(UNK)(UNK)(UNK)(UNK)(UNK)
(UNK)(UNK)(UNK)(UNK)(UNK)(UNK)(UNK)(UNK)(UNK)(UNK)(UNK)(UNK)(UNK)(UNK)(UNK)(UNK)
(UNK)(UNK)(UNK)(UNK)(UNK)(UNK)(UNK)(UNK)(UNK)
;
A,J
2 'polypeptide(L)'
;(UNK)(UNK)(UNK)(UNK)(UNK)(UNK)(UNK)(UNK)(UNK)(UNK)(UNK)(UNK)(UNK)(UNK)(UNK)(UNK)
(UNK)(UNK)(UNK)(UNK)(UNK)(UNK)(UNK)(UNK)(UNK)(UNK)(UNK)(UNK)(UNK)(UNK)(UNK)(UNK)
(UNK)(UNK)(UNK)(UNK)(UNK)(UNK)(UNK)(UNK)(UNK)(UNK)(UNK)(UNK)(UNK)(UNK)(UNK)(UNK)
(UNK)(UNK)(UNK)(UNK)(UNK)(UNK)(UNK)(UNK)(UNK)(UNK)(UNK)(UNK)(UNK)(UNK)(UNK)(UNK)
(UNK)(UNK)(UNK)(UNK)(UNK)(UNK)(UNK)(UNK)(UNK)(UNK)(UNK)(UNK)(UNK)(UNK)(UNK)(UNK)
(UNK)(UNK)(UNK)(UNK)(UNK)(UNK)(UNK)(UNK)(UNK)(UNK)(UNK)(UNK)(UNK)(UNK)(UNK)(UNK)
(UNK)(UNK)(UNK)(UNK)(UNK)(UNK)(UNK)(UNK)(UNK)(UNK)(UNK)(UNK)(UNK)(UNK)(UNK)(UNK)
(UNK)(UNK)(UNK)(UNK)(UNK)(UNK)(UNK)(UNK)(UNK)(UNK)(UNK)(UNK)(UNK)(UNK)(UNK)(UNK)
(UNK)(UNK)(UNK)(UNK)(UNK)(UNK)(UNK)(UNK)(UNK)(UNK)(UNK)(UNK)(UNK)(UNK)(UNK)(UNK)
(UNK)(UNK)(UNK)(UNK)(UNK)(UNK)(UNK)(UNK)(UNK)(UNK)(UNK)(UNK)(UNK)(UNK)(UNK)(UNK)
(UNK)(UNK)(UNK)(UNK)(UNK)(UNK)(UNK)(UNK)(UNK)(UNK)(UNK)(UNK)(UNK)(UNK)
;
B,K
3 'polypeptide(L)'
;(UNK)(UNK)(UNK)(UNK)(UNK)(UNK)(UNK)(UNK)(UNK)(UNK)(UNK)(UNK)(UNK)(UNK)(UNK)(UNK)
(UNK)(UNK)(UNK)(UNK)(UNK)(UNK)(UNK)(UNK)(UNK)(UNK)(UNK)(UNK)(UNK)(UNK)(UNK)(UNK)
(UNK)(UNK)(UNK)(UNK)(UNK)(UNK)(UNK)(UNK)(UNK)(UNK)(UNK)(UNK)(UNK)(UNK)(UNK)(UNK)
(UNK)(UNK)(UNK)(UNK)(UNK)(UNK)(UNK)(UNK)(UNK)(UNK)(UNK)(UNK)(UNK)(UNK)(UNK)(UNK)
(UNK)(UNK)(UNK)(UNK)(UNK)(UNK)(UNK)(UNK)(UNK)(UNK)(UNK)(UNK)(UNK)(UNK)(UNK)(UNK)
(UNK)(UNK)(UNK)(UNK)(UNK)(UNK)(UNK)(UNK)(UNK)(UNK)(UNK)(UNK)(UNK)(UNK)(UNK)(UNK)
(UNK)(UNK)(UNK)(UNK)(UNK)(UNK)(UNK)(UNK)(UNK)(UNK)(UNK)(UNK)(UNK)(UNK)(UNK)(UNK)
(UNK)(UNK)(UNK)(UNK)(UNK)(UNK)(UNK)(UNK)(UNK)(UNK)(UNK)(UNK)(UNK)(UNK)(UNK)(UNK)
(UNK)(UNK)(UNK)(UNK)(UNK)(UNK)(UNK)(UNK)(UNK)(UNK)(UNK)(UNK)(UNK)(UNK)(UNK)(UNK)
(UNK)(UNK)(UNK)(UNK)(UNK)(UNK)(UNK)(UNK)(UNK)(UNK)(UNK)(UNK)
;
C,L
4 'polypeptide(L)'
;(UNK)(UNK)(UNK)(UNK)(UNK)(UNK)(UNK)(UNK)(UNK)(UNK)(UNK)(UNK)(UNK)(UNK)(UNK)(UNK)
(UNK)(UNK)(UNK)(UNK)(UNK)(UNK)(UNK)(UNK)(UNK)(UNK)(UNK)(UNK)(UNK)(UNK)(UNK)(UNK)
(UNK)(UNK)(UNK)(UNK)(UNK)(UNK)(UNK)(UNK)(UNK)(UNK)(UNK)(UNK)(UNK)(UNK)(UNK)(UNK)
(UNK)(UNK)(UNK)(UNK)(UNK)(UNK)(UNK)(UNK)(UNK)(UNK)(UNK)(UNK)(UNK)(UNK)(UNK)(UNK)
(UNK)(UNK)(UNK)(UNK)(UNK)(UNK)(UNK)(UNK)(UNK)(UNK)(UNK)(UNK)(UNK)(UNK)(UNK)(UNK)
(UNK)(UNK)(UNK)(UNK)(UNK)(UNK)(UNK)(UNK)(UNK)(UNK)(UNK)(UNK)(UNK)(UNK)(UNK)(UNK)
(UNK)(UNK)(UNK)(UNK)(UNK)(UNK)(UNK)(UNK)(UNK)(UNK)(UNK)(UNK)(UNK)(UNK)(UNK)(UNK)
(UNK)(UNK)(UNK)(UNK)(UNK)(UNK)(UNK)(UNK)(UNK)(UNK)(UNK)(UNK)(UNK)(UNK)(UNK)(UNK)
(UNK)(UNK)(UNK)(UNK)(UNK)(UNK)(UNK)(UNK)(UNK)(UNK)(UNK)(UNK)(UNK)(UNK)(UNK)(UNK)
(UNK)(UNK)(UNK)(UNK)(UNK)(UNK)(UNK)(UNK)(UNK)(UNK)(UNK)
;
D,M
5 'polypeptide(L)'
;(UNK)(UNK)(UNK)(UNK)(UNK)(UNK)(UNK)(UNK)(UNK)(UNK)(UNK)(UNK)(UNK)(UNK)(UNK)(UNK)
(UNK)(UNK)(UNK)(UNK)(UNK)(UNK)(UNK)(UNK)(UNK)(UNK)(UNK)(UNK)(UNK)(UNK)(UNK)(UNK)
(UNK)(UNK)(UNK)(UNK)(UNK)(UNK)(UNK)(UNK)
;
E,N
6 'polypeptide(L)'
;(UNK)(UNK)(UNK)(UNK)(UNK)(UNK)(UNK)(UNK)(UNK)(UNK)(UNK)(UNK)(UNK)(UNK)(UNK)(UNK)
(UNK)(UNK)(UNK)(UNK)(UNK)(UNK)(UNK)(UNK)(UNK)(UNK)(UNK)(UNK)(UNK)(UNK)
;
F,O
7 'polypeptide(L)'
;(UNK)(UNK)(UNK)(UNK)(UNK)(UNK)(UNK)(UNK)(UNK)(UNK)(UNK)(UNK)(UNK)(UNK)(UNK)(UNK)
(UNK)(UNK)(UNK)(UNK)(UNK)(UNK)(UNK)(UNK)(UNK)(UNK)(UNK)(UNK)(UNK)(UNK)(UNK)(UNK)
(UNK)(UNK)(UNK)(UNK)(UNK)(UNK)(UNK)(UNK)(UNK)(UNK)(UNK)(UNK)(UNK)(UNK)(UNK)(UNK)
(UNK)(UNK)(UNK)(UNK)(UNK)(UNK)(UNK)(UNK)(UNK)(UNK)(UNK)(UNK)(UNK)(UNK)(UNK)(UNK)
(UNK)(UNK)(UNK)(UNK)(UNK)(UNK)(UNK)(UNK)(UNK)(UNK)(UNK)(UNK)(UNK)(UNK)(UNK)(UNK)
(UNK)(UNK)(UNK)(UNK)(UNK)(UNK)(UNK)(UNK)(UNK)(UNK)(UNK)(UNK)(UNK)(UNK)(UNK)(UNK)
(UNK)(UNK)(UNK)(UNK)(UNK)(UNK)(UNK)(UNK)(UNK)(UNK)(UNK)(UNK)(UNK)(UNK)(UNK)(UNK)
(UNK)(UNK)(UNK)(UNK)(UNK)(UNK)(UNK)(UNK)(UNK)(UNK)(UNK)(UNK)(UNK)(UNK)(UNK)(UNK)
(UNK)(UNK)(UNK)(UNK)(UNK)(UNK)(UNK)(UNK)(UNK)(UNK)(UNK)(UNK)(UNK)(UNK)(UNK)(UNK)
(UNK)(UNK)(UNK)(UNK)(UNK)(UNK)(UNK)(UNK)(UNK)(UNK)(UNK)(UNK)(UNK)(UNK)(UNK)(UNK)
(UNK)(UNK)(UNK)(UNK)(UNK)(UNK)(UNK)(UNK)(UNK)(UNK)(UNK)(UNK)(UNK)(UNK)(UNK)(UNK)
(UNK)(UNK)(UNK)(UNK)(UNK)(UNK)(UNK)(UNK)(UNK)(UNK)(UNK)(UNK)(UNK)(UNK)(UNK)(UNK)
(UNK)(UNK)(UNK)(UNK)(UNK)(UNK)(UNK)(UNK)(UNK)(UNK)(UNK)(UNK)(UNK)(UNK)(UNK)(UNK)
(UNK)(UNK)(UNK)(UNK)(UNK)(UNK)(UNK)(UNK)(UNK)(UNK)(UNK)(UNK)(UNK)(UNK)(UNK)(UNK)
(UNK)(UNK)(UNK)(UNK)(UNK)(UNK)(UNK)(UNK)(UNK)(UNK)(UNK)(UNK)(UNK)(UNK)(UNK)(UNK)
(UNK)(UNK)(UNK)(UNK)(UNK)(UNK)(UNK)(UNK)(UNK)(UNK)(UNK)(UNK)(UNK)(UNK)(UNK)(UNK)
(UNK)(UNK)(UNK)(UNK)(UNK)(UNK)(UNK)(UNK)(UNK)(UNK)(UNK)(UNK)(UNK)(UNK)(UNK)(UNK)
(UNK)(UNK)(UNK)(UNK)(UNK)(UNK)(UNK)(UNK)(UNK)(UNK)(UNK)(UNK)(UNK)(UNK)(UNK)(UNK)
(UNK)(UNK)(UNK)(UNK)(UNK)(UNK)(UNK)(UNK)(UNK)(UNK)(UNK)(UNK)(UNK)(UNK)(UNK)(UNK)
(UNK)(UNK)(UNK)(UNK)(UNK)(UNK)(UNK)(UNK)
;
G,P
8 'polypeptide(L)'
;(UNK)(UNK)(UNK)(UNK)(UNK)(UNK)(UNK)(UNK)(UNK)(UNK)(UNK)(UNK)(UNK)(UNK)(UNK)(UNK)
(UNK)(UNK)(UNK)(UNK)(UNK)(UNK)(UNK)(UNK)(UNK)(UNK)(UNK)(UNK)(UNK)(UNK)(UNK)(UNK)
(UNK)(UNK)(UNK)(UNK)(UNK)(UNK)(UNK)(UNK)(UNK)(UNK)(UNK)(UNK)(UNK)(UNK)(UNK)(UNK)
(UNK)(UNK)(UNK)(UNK)(UNK)(UNK)(UNK)(UNK)(UNK)(UNK)(UNK)(UNK)(UNK)(UNK)(UNK)(UNK)
(UNK)(UNK)(UNK)(UNK)(UNK)(UNK)(UNK)(UNK)(UNK)(UNK)(UNK)(UNK)(UNK)(UNK)(UNK)(UNK)
(UNK)(UNK)(UNK)(UNK)(UNK)(UNK)(UNK)(UNK)(UNK)(UNK)(UNK)(UNK)(UNK)(UNK)(UNK)(UNK)
(UNK)(UNK)(UNK)(UNK)(UNK)(UNK)(UNK)(UNK)(UNK)(UNK)(UNK)(UNK)(UNK)(UNK)(UNK)(UNK)
(UNK)(UNK)(UNK)
;
H,Q
9 'polypeptide(L)'
;(UNK)(UNK)(UNK)(UNK)(UNK)(UNK)(UNK)(UNK)(UNK)(UNK)(UNK)(UNK)(UNK)(UNK)(UNK)(UNK)
(UNK)(UNK)(UNK)(UNK)(UNK)(UNK)(UNK)(UNK)(UNK)(UNK)(UNK)(UNK)(UNK)(UNK)(UNK)(UNK)
(UNK)(UNK)(UNK)(UNK)(UNK)(UNK)(UNK)(UNK)(UNK)(UNK)(UNK)(UNK)(UNK)(UNK)(UNK)(UNK)
(UNK)(UNK)(UNK)(UNK)(UNK)(UNK)(UNK)(UNK)(UNK)(UNK)(UNK)(UNK)(UNK)(UNK)(UNK)(UNK)
(UNK)(UNK)(UNK)(UNK)(UNK)(UNK)(UNK)(UNK)(UNK)(UNK)(UNK)(UNK)(UNK)(UNK)(UNK)(UNK)
(UNK)(UNK)(UNK)(UNK)(UNK)(UNK)(UNK)
;
I,R
#
# COMPACT_ATOMS: atom_id res chain seq x y z
CA UNK A 1 24.84 14.97 25.36
CA UNK A 2 27.00 16.03 22.36
CA UNK A 3 30.77 15.95 23.09
CA UNK A 4 34.27 15.03 24.39
CA UNK A 5 37.55 13.38 25.08
CA UNK A 6 36.97 10.69 22.45
CA UNK A 7 38.00 12.19 19.12
CA UNK A 8 39.05 8.51 18.03
CA UNK A 9 36.16 7.17 20.17
CA UNK A 10 33.81 9.21 17.94
CA UNK A 11 35.53 7.79 14.84
CA UNK A 12 35.50 4.17 16.09
CA UNK A 13 31.75 4.63 16.79
CA UNK A 14 31.32 5.84 13.20
CA UNK A 15 33.37 3.11 11.57
CA UNK A 16 31.68 0.17 13.30
CA UNK A 17 28.25 1.50 12.61
CA UNK A 18 28.88 0.42 9.03
CA UNK A 19 30.40 -3.00 9.68
CA UNK A 20 26.89 -4.34 10.16
CA UNK A 21 24.91 -1.66 8.34
CA UNK A 22 26.83 -2.50 5.18
CA UNK A 23 27.27 -6.24 5.62
CA UNK A 24 23.56 -6.78 6.10
CA UNK A 25 23.13 -6.02 2.42
CA UNK A 26 25.68 -8.69 1.52
CA UNK A 27 24.05 -11.27 3.85
CA UNK A 28 20.47 -10.37 2.78
CA UNK A 29 21.28 -10.72 -0.88
CA UNK A 30 22.74 -14.22 -0.59
CA UNK A 31 19.84 -16.48 -1.45
CA UNK A 32 35.25 -9.29 7.86
CA UNK A 33 34.08 -10.36 11.34
CA UNK A 34 37.14 -9.02 13.20
CA UNK A 35 36.32 -5.58 11.77
CA UNK A 36 32.75 -5.92 13.04
CA UNK A 37 34.14 -7.16 16.34
CA UNK A 38 36.65 -4.35 16.74
CA UNK A 39 33.98 -1.86 16.01
CA UNK A 40 31.87 -3.47 18.78
CA UNK A 41 34.70 -3.61 21.29
CA UNK A 42 35.73 0.09 20.58
CA UNK A 43 32.06 1.06 20.82
CA UNK A 44 32.47 0.49 24.56
CA UNK A 45 35.56 2.50 24.22
CA UNK A 46 33.17 5.36 23.49
CA UNK A 47 30.17 3.94 25.34
CA UNK A 48 32.10 3.46 28.54
CA UNK A 49 34.18 6.63 28.17
CA UNK A 50 31.18 8.94 27.75
CA UNK A 51 30.43 8.24 31.38
CA UNK A 52 33.90 9.31 32.48
CA UNK A 53 33.63 12.42 30.30
CA UNK A 54 30.05 13.42 31.35
CA UNK A 55 30.96 13.05 35.01
CA UNK A 56 33.96 15.37 34.93
CA UNK A 57 32.14 18.64 35.93
CA UNK A 58 29.28 16.94 37.79
CA UNK A 59 28.56 13.94 40.00
CA UNK A 60 26.50 10.83 39.38
CA UNK A 61 29.26 10.08 37.06
CA UNK A 62 30.48 6.77 38.39
CA UNK A 63 27.00 5.53 38.46
CA UNK A 64 26.87 6.26 34.74
CA UNK A 65 30.40 4.88 34.43
CA UNK A 66 29.18 2.07 36.65
CA UNK A 67 26.29 1.64 34.20
CA UNK A 68 28.69 1.39 31.26
CA UNK A 69 29.20 -0.79 34.39
CA UNK A 70 28.40 -3.36 33.82
CA UNK A 71 26.37 -2.81 30.66
CA UNK A 72 29.55 -3.31 28.87
CA UNK A 73 30.64 -6.66 30.50
CA UNK A 74 28.33 -8.45 28.27
CA UNK A 75 29.06 -6.75 25.12
CA UNK A 76 32.50 -7.50 26.53
CA UNK A 77 31.62 -11.04 27.61
CA UNK A 78 31.76 -12.12 24.06
CA UNK A 79 35.45 -11.27 24.29
CA UNK A 80 35.85 -13.57 27.28
CA UNK A 81 33.90 -16.42 25.67
CA UNK A 82 35.59 -16.02 22.28
CA UNK A 83 39.11 -16.04 23.77
CA UNK A 84 38.46 -19.33 25.55
CA UNK A 85 39.88 -21.97 23.24
CA UNK A 86 17.45 -11.72 11.31
CA UNK A 87 20.81 -12.14 13.01
CA UNK A 88 19.86 -11.41 16.58
CA UNK A 89 17.66 -14.51 16.76
CA UNK A 90 20.71 -16.55 15.72
CA UNK A 91 22.67 -15.02 18.63
CA UNK A 92 19.81 -16.14 20.85
CA UNK A 93 19.97 -19.68 19.45
CA UNK A 94 23.71 -19.80 19.99
CA UNK A 95 23.60 -18.27 23.49
CA UNK A 96 20.65 -20.40 24.58
CA UNK A 97 22.30 -23.55 23.28
CA UNK A 98 25.69 -22.99 24.88
CA UNK A 99 24.04 -22.22 28.20
CA UNK A 100 23.87 -26.05 28.18
CA UNK A 101 22.41 -25.33 31.60
CA UNK A 102 24.32 -20.86 39.36
CA UNK A 103 25.15 -17.14 39.06
CA UNK A 104 23.27 -16.59 35.77
CA UNK A 105 20.13 -17.82 37.54
CA UNK A 106 20.73 -15.29 40.39
CA UNK A 107 21.52 -12.71 37.70
CA UNK A 108 18.38 -13.34 35.64
CA UNK A 109 16.34 -13.26 38.88
CA UNK A 110 17.93 -9.82 39.69
CA UNK A 111 16.85 -8.77 36.21
CA UNK A 112 13.76 -10.08 37.27
CA UNK A 113 14.27 -7.37 39.89
CA UNK A 114 14.51 -4.85 37.09
CA UNK A 115 11.17 -6.24 36.37
CA UNK A 116 10.23 -5.36 40.12
CA UNK A 117 11.46 -2.01 40.48
CA UNK A 118 10.24 -0.27 37.20
CA UNK A 119 6.65 -1.53 37.31
CA UNK A 120 7.19 0.02 40.74
CA UNK A 121 8.55 3.25 39.39
CA UNK A 122 5.51 3.44 37.10
CA UNK A 123 3.14 2.25 39.83
CA UNK A 124 4.70 4.56 42.50
CA UNK A 125 4.53 7.47 40.08
CA UNK A 126 0.83 7.16 39.29
CA UNK A 127 -0.57 9.51 41.93
CA UNK A 128 2.29 8.19 48.85
CA UNK A 129 5.12 6.31 50.53
CA UNK A 130 2.94 5.95 53.60
CA UNK A 131 0.26 4.36 51.42
CA UNK A 132 2.77 2.18 49.56
CA UNK A 133 4.19 0.95 52.89
CA UNK A 134 0.86 -0.10 54.38
CA UNK A 135 -0.37 -1.44 51.07
CA UNK A 136 2.81 -3.49 50.77
CA UNK A 137 2.42 -4.77 54.34
CA UNK A 138 6.20 -3.86 55.27
CA UNK A 139 8.34 -0.69 55.26
CA UNK A 140 9.90 1.45 52.52
CA UNK A 141 12.40 4.58 52.62
CA UNK A 142 12.46 7.94 50.88
CA UNK A 143 15.36 8.70 48.58
CA UNK A 144 16.09 5.38 47.91
CA UNK A 145 15.19 4.78 44.27
CA UNK A 146 18.79 5.00 43.05
CA UNK A 147 19.90 2.65 45.79
CA UNK A 148 17.36 0.13 44.50
CA UNK A 149 18.45 0.75 40.91
CA UNK A 150 22.12 0.41 41.59
CA UNK A 151 21.37 -2.84 43.41
CA UNK A 152 19.59 -4.11 40.29
CA UNK A 153 21.55 -2.67 37.30
CA UNK A 154 24.42 -3.95 39.42
CA UNK A 155 22.73 -7.27 40.25
CA UNK A 156 23.61 -8.25 36.64
CA UNK A 157 27.07 -6.68 36.67
CA UNK A 158 28.12 -10.06 38.09
CA UNK A 159 25.35 -12.42 37.37
CA UNK A 160 25.73 -11.56 33.69
CA UNK A 161 29.53 -11.65 33.81
CA UNK A 162 28.57 -14.96 34.14
CA UNK A 163 28.75 -16.07 30.46
CA UNK A 164 32.36 -15.00 30.27
CA UNK A 165 33.24 -16.54 33.57
CA UNK A 166 31.39 -19.75 32.97
CA UNK A 167 32.98 -20.44 29.60
CA UNK A 168 36.47 -20.03 31.04
CA UNK A 169 37.53 -23.60 31.66
CA UNK B 1 -17.16 -4.75 50.76
CA UNK B 2 -13.35 -5.13 52.82
CA UNK B 3 -10.20 -5.82 50.76
CA UNK B 4 -8.26 -5.91 54.04
CA UNK B 5 -8.65 -8.99 51.87
CA UNK B 6 -10.53 -11.96 53.18
CA UNK B 7 -8.57 -13.21 50.15
CA UNK B 8 -5.23 -11.66 50.58
CA UNK B 9 -4.68 -13.59 53.80
CA UNK B 10 -6.05 -16.85 52.54
CA UNK B 11 -3.92 -16.95 49.41
CA UNK B 12 -0.68 -16.03 51.17
CA UNK B 13 -0.97 -19.51 52.62
CA UNK B 14 -1.73 -21.57 49.48
CA UNK B 15 1.83 -20.98 48.37
CA UNK B 16 3.61 -20.89 51.73
CA UNK B 17 2.17 -24.06 53.13
CA UNK B 18 2.39 -25.91 49.75
CA UNK B 19 6.07 -25.04 49.54
CA UNK B 20 6.62 -27.39 52.45
CA UNK B 21 4.92 -30.29 50.72
CA UNK B 22 6.73 -29.74 47.44
CA UNK B 23 10.20 -29.32 49.13
CA UNK B 24 9.66 -32.49 51.11
CA UNK B 25 8.88 -34.71 48.15
CA UNK B 26 12.36 -35.99 47.37
CA UNK B 27 -4.03 -31.64 41.70
CA UNK B 28 -2.82 -28.79 39.45
CA UNK B 29 -6.14 -26.89 39.44
CA UNK B 30 -5.89 -26.70 43.23
CA UNK B 31 -2.35 -25.29 42.92
CA UNK B 32 -3.62 -22.96 40.23
CA UNK B 33 -6.60 -21.72 42.21
CA UNK B 34 -4.39 -21.08 45.15
CA UNK B 35 -2.13 -18.99 42.86
CA UNK B 36 -4.98 -17.08 41.26
CA UNK B 37 -6.64 -16.08 44.52
CA UNK B 38 -3.42 -14.96 46.21
CA UNK B 39 -3.62 -12.09 43.73
CA UNK B 40 -7.28 -11.04 44.11
CA UNK B 41 -6.43 -9.67 47.53
CA UNK B 42 -2.84 -8.51 46.95
CA UNK B 43 -3.48 -6.55 43.81
CA UNK B 44 -6.83 -5.15 45.10
CA UNK B 45 -5.08 -3.87 48.21
CA UNK B 46 -3.30 -1.40 46.00
CA UNK B 47 -6.52 -0.03 44.54
CA UNK B 48 -8.23 0.25 47.91
CA UNK B 49 -5.46 1.54 49.73
CA UNK B 50 -5.99 5.03 48.43
CA UNK B 51 -6.59 7.07 45.29
CA UNK B 52 -3.30 7.94 44.66
CA UNK B 53 -2.18 8.92 41.16
CA UNK B 54 0.82 6.63 41.90
CA UNK B 55 -0.93 3.68 43.57
CA UNK B 56 -3.85 3.77 41.18
CA UNK B 57 -1.42 3.56 38.22
CA UNK B 58 0.42 0.82 39.98
CA UNK B 59 -2.73 -1.19 40.79
CA UNK B 60 -3.75 -0.90 37.15
CA UNK B 61 -0.32 -2.23 36.14
CA UNK B 62 -0.10 -4.94 38.78
CA UNK B 63 -3.17 -6.67 37.24
CA UNK B 64 -1.94 -6.44 33.72
CA UNK B 65 1.20 -8.28 34.72
CA UNK B 66 -0.14 -10.49 37.52
CA UNK B 67 -3.10 -11.71 35.75
CA UNK B 68 -1.56 -11.69 32.28
CA UNK B 69 1.25 -14.01 33.33
CA UNK B 70 -1.17 -16.10 35.67
CA UNK B 71 -3.65 -16.72 32.91
CA UNK B 72 -0.90 -18.49 31.16
CA UNK B 73 -0.99 -21.15 33.75
CA UNK B 74 -4.69 -21.41 33.02
CA UNK B 75 -4.75 -20.58 29.30
CA UNK B 76 -1.81 -22.73 28.34
CA UNK B 77 -3.62 -25.71 29.98
CA UNK B 78 -5.54 -27.78 27.53
CA UNK B 79 -6.29 -31.21 29.17
CA UNK B 80 -3.70 -30.08 31.67
CA UNK B 81 -0.32 -31.07 33.13
CA UNK B 82 0.77 -32.00 36.68
CA UNK B 83 3.47 -31.22 39.21
CA UNK B 84 4.80 -29.66 42.40
CA UNK B 85 8.59 -29.30 42.29
CA UNK B 86 12.11 -29.09 43.58
CA UNK B 87 15.17 -27.03 42.78
CA UNK B 88 12.85 -24.28 41.26
CA UNK B 89 15.05 -24.79 38.26
CA UNK B 90 13.29 -27.83 36.61
CA UNK B 91 10.22 -25.55 35.96
CA UNK B 92 12.77 -23.28 34.12
CA UNK B 93 13.97 -26.33 32.12
CA UNK B 94 10.37 -26.86 31.13
CA UNK B 95 10.02 -23.25 30.05
CA UNK B 96 13.17 -23.45 28.00
CA UNK B 97 12.35 -26.83 26.46
CA UNK B 98 8.75 -25.87 25.75
CA UNK B 99 9.71 -22.56 24.14
CA UNK B 100 12.41 -23.96 22.12
CA UNK B 101 9.98 -26.76 21.25
CA UNK B 102 6.81 -24.79 20.52
CA UNK B 103 8.75 -22.44 18.72
CA UNK B 104 10.07 -19.53 20.74
CA UNK B 105 12.78 -16.88 20.12
CA UNK B 106 11.29 -15.86 16.77
CA UNK B 107 8.79 -13.14 17.47
CA UNK B 108 6.78 -11.62 20.28
CA UNK B 109 10.10 -10.19 21.25
CA UNK B 110 8.37 -6.94 22.31
CA UNK B 111 7.79 -8.56 25.70
CA UNK B 112 11.08 -10.59 25.93
CA UNK B 113 12.39 -7.08 25.39
CA UNK B 114 9.80 -5.43 27.61
CA UNK B 115 11.62 -6.87 30.67
CA UNK B 116 15.07 -6.34 29.18
CA UNK B 117 14.00 -2.69 29.07
CA UNK B 118 13.80 -3.65 32.74
CA UNK B 119 17.40 -2.42 32.72
CA UNK B 120 16.02 0.78 31.17
CA UNK B 121 13.72 0.80 34.03
CA UNK B 122 16.01 1.58 36.97
CA UNK B 123 19.03 2.10 34.90
CA UNK B 124 18.42 5.52 33.50
CA UNK B 125 16.78 6.99 36.64
CA UNK B 126 19.37 5.37 38.94
CA UNK B 127 21.45 8.23 37.44
CA UNK B 128 19.99 10.65 40.03
CA UNK B 129 21.59 8.89 43.01
CA UNK B 130 23.88 11.43 43.73
CA UNK B 131 24.80 11.49 40.04
CA UNK B 132 22.50 14.51 40.03
CA UNK B 133 20.00 14.30 42.58
CA UNK B 134 17.17 16.85 41.67
CA UNK B 135 18.85 17.38 38.31
CA UNK B 136 17.11 18.71 35.31
CA UNK B 137 20.29 20.57 34.37
CA UNK B 138 22.26 17.33 34.49
CA UNK B 139 19.54 15.44 32.60
CA UNK B 140 19.49 18.13 29.90
CA UNK B 141 23.22 18.11 29.25
CA UNK B 142 23.47 14.33 29.35
CA UNK B 143 20.98 14.04 26.46
CA UNK B 144 19.18 12.43 24.85
CA UNK B 145 16.84 13.40 27.75
CA UNK B 146 13.05 13.69 27.59
CA UNK B 147 9.85 15.62 28.23
CA UNK B 148 9.68 15.37 32.01
CA UNK B 149 9.17 12.60 34.60
CA UNK B 150 7.98 10.08 32.05
CA UNK B 151 9.77 7.41 34.09
CA UNK B 152 6.36 6.70 35.59
CA UNK B 153 4.86 6.71 32.09
CA UNK B 154 7.68 4.54 30.82
CA UNK B 155 7.51 2.05 33.73
CA UNK B 156 3.73 1.77 33.01
CA UNK B 157 4.57 1.11 29.32
CA UNK B 158 7.33 -1.44 30.13
CA UNK B 159 5.13 -3.41 32.55
CA UNK B 160 2.09 -2.98 30.39
CA UNK B 161 4.08 -3.29 27.16
CA UNK B 162 5.73 -6.62 27.94
CA UNK B 163 2.67 -8.53 29.19
CA UNK B 164 0.77 -7.26 26.04
CA UNK B 165 3.65 -8.30 23.83
CA UNK B 166 4.16 -11.67 25.59
CA UNK B 167 0.69 -12.21 27.10
CA UNK B 168 -0.87 -12.31 23.64
CA UNK B 169 2.07 -14.32 22.35
CA UNK B 170 2.11 -16.63 25.36
CA UNK B 171 -1.63 -17.31 25.16
CA UNK B 172 -1.61 -18.04 21.50
CA UNK B 173 1.06 -20.74 21.73
CA UNK B 174 -0.92 -23.94 21.94
CA UNK C 1 61.39 12.92 43.85
CA UNK C 2 64.86 11.29 43.75
CA UNK C 3 63.88 8.19 45.75
CA UNK C 4 61.26 7.47 43.09
CA UNK C 5 63.95 7.88 40.38
CA UNK C 6 66.21 5.70 42.55
CA UNK C 7 63.65 2.94 43.07
CA UNK C 8 62.92 3.03 39.37
CA UNK C 9 66.52 2.39 38.89
CA UNK C 10 66.98 -0.37 41.33
CA UNK C 11 64.08 -2.34 39.78
CA UNK C 12 66.30 -2.84 36.81
CA UNK C 13 67.76 -5.80 38.85
CA UNK C 14 64.45 -8.06 38.78
CA UNK C 15 62.61 -7.80 35.41
CA UNK C 16 65.91 -8.46 33.48
CA UNK C 17 66.08 -11.56 35.62
CA UNK C 18 62.69 -12.85 34.64
CA UNK C 19 63.48 -12.81 30.93
CA UNK C 20 66.16 -15.43 31.44
CA UNK C 21 63.68 -17.77 33.13
CA UNK C 22 61.19 -17.11 30.35
CA UNK C 23 63.62 -17.54 27.41
CA UNK C 24 64.89 -20.75 28.98
CA UNK C 25 61.51 -22.42 29.31
CA UNK C 26 61.39 -24.29 26.01
CA UNK C 27 68.34 -25.99 43.52
CA UNK C 28 70.38 -22.78 43.02
CA UNK C 29 68.22 -21.38 40.20
CA UNK C 30 65.26 -21.53 42.59
CA UNK C 31 67.28 -19.61 45.20
CA UNK C 32 68.36 -17.24 42.48
CA UNK C 33 64.87 -16.63 41.12
CA UNK C 34 63.78 -16.03 44.61
CA UNK C 35 66.41 -13.38 45.01
CA UNK C 36 65.99 -11.83 41.62
CA UNK C 37 62.66 -10.70 42.36
CA UNK C 38 63.46 -10.12 46.09
CA UNK C 39 64.75 -6.68 45.09
CA UNK C 40 61.99 -5.50 42.78
CA UNK C 41 59.78 -5.09 45.82
CA UNK C 42 62.37 -4.13 48.45
CA UNK C 43 64.06 -1.42 46.48
CA UNK C 44 60.73 -0.11 45.01
CA UNK C 45 59.34 0.22 48.53
CA UNK C 46 61.82 3.01 49.08
CA UNK C 47 60.65 4.95 46.05
CA UNK C 48 56.98 4.53 46.86
CA UNK C 49 57.43 5.47 50.61
CA UNK C 50 59.38 8.56 49.63
CA UNK C 51 56.77 9.97 47.27
CA UNK C 52 54.82 12.15 49.69
CA UNK C 53 45.60 2.88 69.19
CA UNK C 54 46.69 -0.35 70.93
CA UNK C 55 44.31 -2.63 69.00
CA UNK C 56 45.95 -1.41 65.80
CA UNK C 57 49.39 -2.26 67.25
CA UNK C 58 47.97 -5.56 68.41
CA UNK C 59 46.42 -6.48 65.08
CA UNK C 60 49.62 -5.66 63.35
CA UNK C 61 51.40 -8.04 65.78
CA UNK C 62 48.87 -10.82 65.42
CA UNK C 63 48.87 -10.86 61.62
CA UNK C 64 52.65 -10.77 61.28
CA UNK C 65 52.42 -14.33 62.59
CA UNK C 66 49.63 -15.75 60.41
CA UNK C 67 52.01 -15.66 57.47
CA UNK C 68 55.32 -16.36 59.25
CA UNK C 69 54.20 -19.38 61.16
CA UNK C 70 52.10 -20.74 58.23
CA UNK C 71 55.15 -20.54 55.98
CA UNK C 72 56.65 -23.32 58.04
CA UNK C 73 53.68 -25.61 57.53
CA UNK C 74 53.47 -24.95 53.81
CA UNK C 75 57.29 -25.38 53.24
CA UNK C 76 57.22 -28.66 55.14
CA UNK C 77 54.46 -30.26 53.11
CA UNK C 78 56.55 -32.02 50.47
CA UNK C 79 46.51 -38.04 53.45
CA UNK C 80 47.14 -35.41 50.75
CA UNK C 81 43.96 -33.40 51.40
CA UNK C 82 45.17 -32.94 54.99
CA UNK C 83 48.52 -31.68 53.68
CA UNK C 84 46.64 -29.52 51.22
CA UNK C 85 44.28 -28.04 53.78
CA UNK C 86 47.13 -27.07 55.95
CA UNK C 87 49.18 -25.60 53.08
CA UNK C 88 47.17 -22.98 51.27
CA UNK C 89 45.30 -22.14 54.41
CA UNK C 90 48.33 -21.14 56.46
CA UNK C 91 48.39 -18.14 54.15
CA UNK C 92 44.71 -17.08 54.19
CA UNK C 93 45.15 -15.95 57.77
CA UNK C 94 48.77 -14.76 57.69
CA UNK C 95 48.49 -12.55 54.74
CA UNK C 96 45.00 -11.31 55.61
CA UNK C 97 46.33 -10.12 58.99
CA UNK C 98 48.34 -7.53 57.16
CA UNK C 99 45.29 -6.20 55.32
CA UNK C 100 43.35 -6.16 58.59
CA UNK C 101 46.08 -4.51 60.76
CA UNK C 102 46.62 -1.82 58.15
CA UNK C 103 43.01 -0.69 57.97
CA UNK C 104 43.08 2.06 60.59
CA UNK C 105 42.00 13.18 46.93
CA UNK C 106 44.91 12.16 44.68
CA UNK C 107 46.13 9.30 46.90
CA UNK C 108 42.68 7.74 46.55
CA UNK C 109 42.93 8.06 42.76
CA UNK C 110 46.45 6.69 42.98
CA UNK C 111 45.54 3.72 45.14
CA UNK C 112 42.78 3.02 42.77
CA UNK C 113 45.19 2.93 39.91
CA UNK C 114 47.92 1.06 41.71
CA UNK C 115 45.90 -1.93 41.86
CA UNK C 116 43.88 -1.19 38.73
CA UNK C 117 46.87 -2.62 36.87
CA UNK C 118 47.15 -5.52 39.29
CA UNK C 119 43.89 -6.86 37.92
CA UNK C 120 44.12 -5.67 34.29
CA UNK C 121 47.50 -6.97 33.56
CA UNK C 122 47.05 -10.14 35.60
CA UNK C 123 43.99 -11.01 33.50
CA UNK C 124 46.28 -11.51 30.56
CA UNK C 125 48.49 -13.94 32.46
CA UNK C 126 45.40 -15.77 33.67
CA UNK C 127 43.56 -15.93 30.28
CA UNK C 128 46.69 -17.19 28.58
CA UNK C 129 47.26 -20.15 30.88
CA UNK C 130 45.34 -22.81 28.97
CA UNK C 131 40.54 -27.55 38.57
CA UNK C 132 41.79 -24.92 36.09
CA UNK C 133 38.35 -23.35 35.44
CA UNK C 134 38.13 -22.64 39.18
CA UNK C 135 41.56 -20.98 39.06
CA UNK C 136 40.45 -19.15 35.94
CA UNK C 137 37.16 -17.94 37.40
CA UNK C 138 39.04 -16.72 40.43
CA UNK C 139 41.39 -14.89 38.07
CA UNK C 140 38.59 -13.22 36.08
CA UNK C 141 36.77 -12.91 39.33
CA UNK C 142 39.56 -10.87 40.92
CA UNK C 143 39.40 -8.76 37.77
CA UNK C 144 35.75 -8.30 37.37
CA UNK C 145 35.60 -5.92 40.33
CA UNK C 146 39.31 -5.06 40.27
CA UNK C 147 38.29 -2.88 37.97
CA UNK C 148 35.25 -1.12 39.42
CA UNK C 149 37.18 0.56 42.23
CA UNK C 150 39.36 2.22 39.66
CA UNK C 151 36.33 3.72 37.92
CA UNK C 152 34.93 4.78 41.28
CA UNK C 153 38.19 6.24 42.72
CA UNK C 154 38.73 8.23 39.55
CA UNK C 155 35.35 9.95 39.57
CA UNK C 156 36.24 13.10 41.51
CA UNK D 1 -35.61 6.78 43.94
CA UNK D 2 -38.88 5.02 43.02
CA UNK D 3 -38.24 4.98 39.25
CA UNK D 4 -35.04 3.03 39.95
CA UNK D 5 -37.04 0.53 42.05
CA UNK D 6 -39.63 0.46 39.30
CA UNK D 7 -37.15 -0.11 36.49
CA UNK D 8 -35.54 -2.85 38.63
CA UNK D 9 -39.01 -4.36 38.80
CA UNK D 10 -39.91 -4.15 35.09
CA UNK D 11 -36.49 -5.70 34.34
CA UNK D 12 -38.49 -8.53 35.95
CA UNK D 13 -39.41 -9.45 32.37
CA UNK D 14 -35.69 -9.49 31.17
CA UNK D 15 -34.95 -12.52 33.34
CA UNK D 16 -38.45 -14.02 33.48
CA UNK D 17 -37.20 -14.16 30.08
CA UNK D 18 -34.13 -16.15 31.01
CA UNK D 19 -36.08 -18.66 33.09
CA UNK D 20 -37.63 -19.85 29.86
CA UNK D 21 -34.25 -20.41 28.22
CA UNK D 22 -33.05 -22.22 31.35
CA UNK D 23 -36.18 -24.43 31.85
CA UNK D 24 -36.10 -25.46 28.20
CA UNK D 25 -32.52 -26.71 28.20
CA UNK D 26 -33.13 -30.37 29.04
CA UNK D 27 -39.24 -21.38 16.80
CA UNK D 28 -41.22 -19.73 19.65
CA UNK D 29 -38.58 -20.35 22.35
CA UNK D 30 -36.12 -18.38 20.20
CA UNK D 31 -38.65 -15.52 19.95
CA UNK D 32 -39.23 -15.86 23.67
CA UNK D 33 -35.57 -15.84 24.62
CA UNK D 34 -35.17 -12.85 22.46
CA UNK D 35 -37.88 -11.08 24.34
CA UNK D 36 -36.85 -12.23 27.76
CA UNK D 37 -33.74 -10.43 27.63
CA UNK D 38 -35.25 -7.58 25.52
CA UNK D 39 -36.40 -6.01 28.78
CA UNK D 40 -33.28 -6.33 30.90
CA UNK D 41 -31.69 -3.65 28.77
CA UNK D 42 -34.75 -1.54 27.92
CA UNK D 43 -36.09 -1.19 31.41
CA UNK D 44 -32.57 -0.77 32.95
CA UNK D 45 -31.88 2.07 30.54
CA UNK D 46 -34.48 4.08 32.40
CA UNK D 47 -32.78 3.55 35.76
CA UNK D 48 -29.33 4.35 34.44
CA UNK D 49 -30.51 7.52 32.52
CA UNK D 50 -32.29 8.77 35.62
CA UNK D 51 -29.30 8.54 37.94
CA UNK D 52 -27.91 12.05 37.53
CA UNK D 53 -28.60 17.83 16.72
CA UNK D 54 -27.76 17.05 13.06
CA UNK D 55 -25.08 14.43 13.83
CA UNK D 56 -27.73 12.49 15.74
CA UNK D 57 -30.05 12.66 12.71
CA UNK D 58 -27.11 11.73 10.53
CA UNK D 59 -26.03 8.78 12.63
CA UNK D 60 -29.57 7.50 12.69
CA UNK D 61 -29.57 7.71 8.87
CA UNK D 62 -26.19 6.04 8.45
CA UNK D 63 -27.01 3.00 10.67
CA UNK D 64 -30.48 2.56 9.11
CA UNK D 65 -28.43 1.22 6.15
CA UNK D 66 -26.66 -1.22 8.23
CA UNK D 67 -29.78 -3.34 8.70
CA UNK D 68 -29.69 -2.63 4.97
CA UNK D 69 -26.11 -3.48 4.91
CA UNK D 70 -26.93 -6.94 6.33
CA UNK D 71 -29.85 -7.53 3.99
CA UNK D 72 -27.32 -7.87 1.22
CA UNK D 73 -25.43 -10.55 3.14
CA UNK D 74 -28.73 -12.30 3.91
CA UNK D 75 -30.20 -12.12 0.35
CA UNK D 76 -26.95 -13.44 -1.06
CA UNK D 77 -26.78 -16.55 1.10
CA UNK D 78 -28.58 -19.01 -1.18
CA UNK D 79 -16.99 -17.93 -2.30
CA UNK D 80 -18.35 -18.10 1.27
CA UNK D 81 -15.53 -16.07 2.85
CA UNK D 82 -16.43 -13.23 0.49
CA UNK D 83 -20.08 -13.48 1.60
CA UNK D 84 -18.88 -13.67 5.17
CA UNK D 85 -16.57 -10.66 4.93
CA UNK D 86 -19.32 -8.67 3.38
CA UNK D 87 -21.54 -9.62 6.35
CA UNK D 88 -18.92 -8.86 8.98
CA UNK D 89 -18.05 -5.41 7.66
CA UNK D 90 -21.65 -4.28 7.25
CA UNK D 91 -21.63 -4.25 11.04
CA UNK D 92 -18.37 -2.38 11.74
CA UNK D 93 -20.03 0.77 10.48
CA UNK D 94 -23.63 0.16 11.58
CA UNK D 95 -22.89 -0.75 15.15
CA UNK D 96 -20.14 1.92 15.50
CA UNK D 97 -22.60 4.57 14.33
CA UNK D 98 -24.45 4.05 17.58
CA UNK D 99 -21.38 4.66 19.70
CA UNK D 100 -20.34 7.74 17.76
CA UNK D 101 -23.91 9.27 17.76
CA UNK D 102 -24.19 8.71 21.49
CA UNK D 103 -20.99 10.51 22.43
CA UNK D 104 -22.37 14.00 23.02
CA UNK D 105 -18.47 9.88 37.28
CA UNK D 106 -20.62 6.83 38.12
CA UNK D 107 -22.01 6.35 34.59
CA UNK D 108 -18.41 6.00 33.38
CA UNK D 109 -17.79 3.35 36.06
CA UNK D 110 -21.06 1.75 35.10
CA UNK D 111 -20.37 1.69 31.38
CA UNK D 112 -17.05 0.23 32.17
CA UNK D 113 -18.69 -2.56 34.08
CA UNK D 114 -21.52 -3.12 31.67
CA UNK D 115 -19.27 -4.36 29.15
CA UNK D 116 -16.66 -5.66 31.59
CA UNK D 117 -18.93 -8.69 31.86
CA UNK D 118 -19.44 -8.82 28.12
CA UNK D 119 -15.83 -9.83 27.75
CA UNK D 120 -15.30 -11.80 30.98
CA UNK D 121 -18.24 -14.02 30.68
CA UNK D 122 -17.93 -14.41 26.91
CA UNK D 123 -14.38 -15.71 27.39
CA UNK D 124 -15.82 -18.76 29.02
CA UNK D 125 -18.13 -19.47 26.09
CA UNK D 126 -15.23 -18.94 23.69
CA UNK D 127 -12.61 -21.05 25.61
CA UNK D 128 -15.09 -23.90 25.94
CA UNK D 129 -15.84 -24.22 22.24
CA UNK D 130 -13.22 -26.81 21.29
CA UNK D 131 -9.14 -22.96 11.95
CA UNK D 132 -10.17 -23.27 15.63
CA UNK D 133 -6.90 -21.85 17.06
CA UNK D 134 -7.57 -18.69 15.04
CA UNK D 135 -11.09 -18.51 16.54
CA UNK D 136 -9.57 -19.24 19.92
CA UNK D 137 -6.87 -16.60 19.69
CA UNK D 138 -9.52 -14.13 18.60
CA UNK D 139 -11.51 -15.16 21.66
CA UNK D 140 -8.62 -14.72 24.10
CA UNK D 141 -7.52 -11.81 21.96
CA UNK D 142 -10.76 -9.96 22.67
CA UNK D 143 -10.40 -10.78 26.36
CA UNK D 144 -6.78 -9.86 26.75
CA UNK D 145 -7.50 -6.15 26.33
CA UNK D 146 -11.20 -6.41 27.17
CA UNK D 147 -9.94 -6.41 30.51
CA UNK D 148 -7.53 -3.47 30.67
CA UNK D 149 -10.20 -0.84 30.07
CA UNK D 150 -12.05 -2.14 33.08
CA UNK D 151 -8.97 -1.63 35.25
CA UNK D 152 -8.48 1.81 33.70
CA UNK D 153 -12.12 2.97 33.93
CA UNK D 154 -12.20 1.91 37.56
CA UNK D 155 -9.15 3.90 38.64
CA UNK E 1 11.42 -3.46 61.34
CA UNK E 2 11.19 -3.08 65.15
CA UNK E 3 11.97 -3.88 68.82
CA UNK E 4 10.46 -6.05 71.61
CA UNK E 5 13.81 -7.71 70.59
CA UNK E 6 14.96 -7.29 74.18
CA UNK E 7 12.33 -9.76 75.40
CA UNK E 8 13.68 -12.19 78.10
CA UNK E 9 10.84 -13.79 79.79
CA UNK E 10 9.08 -14.08 76.43
CA UNK E 11 12.24 -15.10 74.60
CA UNK E 12 13.18 -17.81 77.14
CA UNK E 13 9.60 -19.18 76.71
CA UNK E 14 10.17 -19.05 72.70
CA UNK E 15 13.80 -20.27 72.93
CA UNK E 16 12.30 -23.14 74.77
CA UNK E 17 9.53 -23.58 72.32
CA UNK E 18 11.71 -22.86 69.29
CA UNK E 19 13.22 -26.25 70.11
CA UNK E 20 9.97 -28.33 70.56
CA UNK E 21 8.84 -27.45 66.95
CA UNK E 22 12.31 -28.53 65.86
CA UNK E 23 11.87 -31.49 67.92
CA UNK E 24 8.59 -32.06 66.16
CA UNK E 25 10.49 -32.23 62.82
CA UNK E 26 12.78 -35.15 63.75
CA UNK E 27 10.11 -37.39 65.23
CA UNK E 28 8.07 -37.14 62.01
CA UNK E 29 10.74 -38.07 59.54
CA UNK E 30 11.99 -40.89 61.74
CA UNK E 31 8.55 -42.39 61.18
CA UNK E 32 5.11 -41.16 59.27
CA UNK E 33 3.57 -39.53 56.19
CA UNK E 34 1.25 -39.56 53.22
CA UNK E 35 3.74 -40.37 50.51
CA UNK E 36 7.26 -41.71 49.96
CA UNK E 37 9.51 -44.33 48.39
CA UNK E 38 12.96 -45.18 49.73
CA UNK E 39 11.87 -48.80 49.17
CA UNK E 40 10.34 -48.55 45.72
CA UNK F 1 -6.87 -6.27 72.30
CA UNK F 2 -6.40 -8.84 69.49
CA UNK F 3 -2.94 -9.94 70.73
CA UNK F 4 -3.60 -9.42 66.92
CA UNK F 5 -1.89 -9.25 63.48
CA UNK F 6 1.53 -10.11 64.88
CA UNK F 7 0.20 -13.42 66.23
CA UNK F 8 -1.40 -14.24 62.84
CA UNK F 9 1.91 -13.26 61.24
CA UNK F 10 4.08 -15.40 63.51
CA UNK F 11 1.74 -18.27 62.91
CA UNK F 12 2.21 -18.02 59.18
CA UNK F 13 5.90 -17.37 58.83
CA UNK F 14 7.69 -18.95 62.08
CA UNK F 15 5.85 -22.29 62.30
CA UNK F 16 6.62 -22.61 58.74
CA UNK F 17 10.45 -22.00 59.25
CA UNK F 18 11.17 -24.32 62.17
CA UNK F 19 9.05 -27.21 60.93
CA UNK F 20 9.95 -26.69 57.39
CA UNK F 21 13.45 -26.77 58.86
CA UNK F 22 12.94 -30.33 60.09
CA UNK F 23 12.84 -30.55 56.40
CA UNK F 24 16.57 -30.11 56.99
CA UNK F 25 16.63 -32.33 60.08
CA UNK F 26 14.60 -35.24 58.50
CA UNK F 27 16.84 -35.12 55.45
CA UNK F 28 20.12 -35.43 57.33
CA UNK F 29 20.71 -39.25 57.31
CA UNK F 30 18.45 -41.46 55.49
CA UNK G 1 43.85 19.33 32.85
CA UNK G 2 44.67 15.60 32.69
CA UNK G 3 41.79 14.67 30.35
CA UNK G 4 43.22 17.15 27.84
CA UNK G 5 46.64 15.51 28.16
CA UNK G 6 44.99 12.14 27.82
CA UNK G 7 42.85 13.04 24.79
CA UNK G 8 46.04 14.37 23.23
CA UNK G 9 47.62 11.05 23.91
CA UNK G 10 44.79 8.82 22.65
CA UNK G 11 44.34 10.62 19.35
CA UNK G 12 48.07 10.61 18.61
CA UNK G 13 47.49 6.97 17.85
CA UNK G 14 44.25 7.08 16.00
CA UNK G 15 46.28 7.89 12.94
CA UNK G 16 49.66 6.66 13.89
CA UNK G 17 48.34 3.12 14.21
CA UNK G 18 45.86 3.39 11.37
CA UNK G 19 48.53 4.38 8.84
CA UNK G 20 49.84 0.91 9.16
CA UNK G 21 46.53 -0.62 8.30
CA UNK G 22 46.11 1.67 5.34
CA UNK G 23 49.61 1.33 4.09
CA UNK G 24 49.45 -2.50 4.14
CA UNK G 25 46.36 -2.61 2.06
CA UNK G 26 47.62 -3.22 -1.43
CA UNK G 27 18.52 22.87 19.14
CA UNK G 28 18.57 19.27 20.43
CA UNK G 29 15.16 18.31 19.00
CA UNK G 30 16.50 19.23 15.55
CA UNK G 31 19.53 17.02 16.15
CA UNK G 32 17.23 14.30 17.39
CA UNK G 33 14.74 14.53 14.51
CA UNK G 34 17.74 14.33 12.20
CA UNK G 35 18.77 11.20 14.00
CA UNK G 36 15.37 9.47 14.07
CA UNK G 37 14.60 9.97 10.39
CA UNK G 38 18.04 8.73 9.31
CA UNK G 39 16.64 5.34 10.17
CA UNK G 40 13.17 5.60 8.80
CA UNK G 41 14.67 4.67 5.47
CA UNK G 42 17.87 3.05 6.48
CA UNK G 43 15.98 0.35 8.34
CA UNK G 44 13.08 0.17 5.92
CA UNK G 45 15.33 -0.55 2.94
CA UNK G 46 15.98 -3.88 4.50
CA UNK G 47 12.34 -4.72 4.70
CA UNK G 48 11.78 -3.65 1.13
CA UNK G 49 14.83 -5.32 -0.25
CA UNK G 50 13.93 -8.68 1.37
CA UNK G 51 10.53 -8.76 -0.13
CA UNK G 52 10.93 -10.91 -3.20
CA UNK G 53 6.67 21.61 22.82
CA UNK G 54 7.15 18.28 24.64
CA UNK G 55 4.12 16.55 23.09
CA UNK G 56 5.67 17.22 19.67
CA UNK G 57 8.93 15.67 20.85
CA UNK G 58 6.97 12.79 22.29
CA UNK G 59 4.81 12.19 19.21
CA UNK G 60 8.04 12.19 17.22
CA UNK G 61 9.35 9.57 19.55
CA UNK G 62 6.29 7.29 19.60
CA UNK G 63 5.87 7.15 15.84
CA UNK G 64 9.55 6.41 15.26
CA UNK G 65 8.62 2.97 16.50
CA UNK G 66 5.34 2.43 14.81
CA UNK G 67 7.31 1.34 11.80
CA UNK G 68 10.61 0.45 13.30
CA UNK G 69 8.99 -2.26 15.40
CA UNK G 70 6.43 -3.28 12.80
CA UNK G 71 9.08 -3.99 10.15
CA UNK G 72 10.09 -6.91 12.26
CA UNK G 73 6.63 -8.34 12.27
CA UNK G 74 6.30 -7.88 8.55
CA UNK G 75 9.71 -9.15 7.71
CA UNK G 76 9.20 -12.37 9.74
CA UNK G 77 6.04 -13.25 7.97
CA UNK G 78 7.10 -15.69 5.32
CA UNK G 79 -1.80 24.52 15.68
CA UNK G 80 -1.47 21.28 17.70
CA UNK G 81 -4.28 19.41 15.90
CA UNK G 82 -2.36 19.97 12.65
CA UNK G 83 0.77 18.55 14.26
CA UNK G 84 -1.29 15.69 15.60
CA UNK G 85 -3.07 14.90 12.32
CA UNK G 86 0.37 14.90 10.71
CA UNK G 87 1.45 12.41 13.31
CA UNK G 88 -1.56 10.07 13.11
CA UNK G 89 -1.55 9.75 9.33
CA UNK G 90 2.19 9.06 9.20
CA UNK G 91 1.19 5.66 10.50
CA UNK G 92 -1.87 4.97 8.47
CA UNK G 93 0.46 3.80 5.76
CA UNK G 94 3.56 3.05 7.67
CA UNK G 95 1.76 0.40 9.69
CA UNK G 96 -0.46 -0.78 6.86
CA UNK G 97 2.49 -1.55 4.58
CA UNK G 98 3.30 -4.35 6.91
CA UNK G 99 -0.12 -5.86 6.60
CA UNK G 100 -0.02 -5.57 2.85
CA UNK G 101 3.48 -6.81 2.46
CA UNK G 102 2.80 -9.94 4.56
CA UNK G 103 -0.12 -10.96 2.49
CA UNK G 104 1.29 -13.50 0.10
CA UNK G 105 38.72 -3.60 76.33
CA UNK G 106 40.80 -4.63 73.29
CA UNK G 107 43.93 -5.59 75.28
CA UNK G 108 41.79 -8.08 77.19
CA UNK G 109 40.55 -9.52 73.91
CA UNK G 110 44.09 -9.58 72.65
CA UNK G 111 45.60 -11.21 75.76
CA UNK G 112 42.85 -13.80 75.45
CA UNK G 113 43.94 -14.37 71.91
CA UNK G 114 47.71 -14.56 72.52
CA UNK G 115 47.50 -17.04 75.39
CA UNK G 116 45.14 -19.33 73.49
CA UNK G 117 48.24 -20.27 71.57
CA UNK G 118 50.78 -20.47 74.31
CA UNK G 119 49.51 -23.97 74.92
CA UNK G 120 47.86 -24.78 71.68
CA UNK G 121 51.16 -24.42 69.84
CA UNK G 122 53.29 -25.81 72.64
CA UNK G 123 51.35 -29.09 72.79
CA UNK G 124 52.82 -29.88 69.45
CA UNK G 125 56.33 -29.40 70.67
CA UNK G 126 55.67 -31.51 73.72
CA UNK G 127 53.81 -34.21 71.92
CA UNK G 128 56.60 -34.64 69.32
CA UNK G 129 59.23 -35.15 71.89
CA UNK G 130 59.57 -38.89 72.13
CA UNK G 131 48.53 0.04 84.46
CA UNK G 132 48.79 -3.61 85.58
CA UNK G 133 47.02 -5.08 82.52
CA UNK G 134 49.71 -3.44 80.37
CA UNK G 135 52.39 -5.02 82.54
CA UNK G 136 50.56 -8.30 82.34
CA UNK G 137 50.02 -8.22 78.56
CA UNK G 138 53.74 -7.49 78.28
CA UNK G 139 54.38 -10.53 80.36
CA UNK G 140 52.02 -12.94 78.57
CA UNK G 141 53.25 -12.13 75.08
CA UNK G 142 56.91 -12.45 76.07
CA UNK G 143 56.17 -16.14 76.04
CA UNK G 144 54.03 -16.46 72.99
CA UNK G 145 57.24 -16.60 71.02
CA UNK G 146 59.70 -17.61 73.64
CA UNK G 147 57.86 -20.88 74.18
CA UNK G 148 56.84 -21.35 70.56
CA UNK G 149 60.44 -21.18 69.31
CA UNK G 150 60.97 -24.46 71.00
CA UNK G 151 58.12 -26.08 69.17
CA UNK G 152 59.30 -24.69 65.87
CA UNK G 153 62.92 -25.48 66.40
CA UNK G 154 62.18 -29.13 67.29
CA UNK G 155 60.25 -29.73 64.17
CA UNK G 156 62.74 -31.33 61.84
CA UNK G 157 21.96 -6.05 74.92
CA UNK G 158 22.81 -5.79 71.19
CA UNK G 159 25.60 -8.40 71.25
CA UNK G 160 23.04 -10.89 72.55
CA UNK G 161 20.71 -9.99 69.70
CA UNK G 162 23.61 -10.25 67.32
CA UNK G 163 24.90 -13.60 68.61
CA UNK G 164 21.32 -14.85 68.27
CA UNK G 165 21.38 -13.68 64.70
CA UNK G 166 24.78 -15.10 63.71
CA UNK G 167 24.15 -18.58 65.09
CA UNK G 168 20.73 -18.82 63.42
CA UNK G 169 22.75 -19.34 60.28
CA UNK G 170 25.46 -21.60 61.50
CA UNK G 171 23.03 -24.42 60.98
CA UNK G 172 20.60 -22.92 58.58
CA UNK G 173 23.33 -22.49 55.99
CA UNK G 174 25.22 -25.65 56.90
CA UNK G 175 22.17 -27.87 56.34
CA UNK G 176 22.51 -27.10 52.71
CA UNK G 177 26.08 -28.25 52.59
CA UNK G 178 25.22 -31.42 54.44
CA UNK G 179 22.11 -32.17 52.51
CA UNK G 180 23.92 -31.82 49.14
CA UNK G 181 26.57 -34.27 50.05
CA UNK G 182 25.40 -37.50 48.52
CA UNK G 183 31.85 2.16 80.26
CA UNK G 184 32.53 1.27 76.60
CA UNK G 185 35.61 -0.90 77.31
CA UNK G 186 33.39 -3.06 79.52
CA UNK G 187 30.87 -3.37 76.69
CA UNK G 188 33.70 -4.14 74.34
CA UNK G 189 35.40 -6.73 76.56
CA UNK G 190 31.98 -8.35 76.88
CA UNK G 191 31.79 -8.42 73.14
CA UNK G 192 35.30 -9.77 72.44
CA UNK G 193 35.11 -12.64 74.90
CA UNK G 194 31.69 -13.74 73.64
CA UNK G 195 33.65 -15.07 70.72
CA UNK G 196 36.63 -16.53 72.41
CA UNK G 197 34.51 -19.59 73.00
CA UNK G 198 31.86 -19.20 70.41
CA UNK G 199 34.44 -19.39 67.65
CA UNK G 200 36.70 -21.88 69.40
CA UNK G 201 33.91 -24.44 69.80
CA UNK G 202 34.03 -24.88 66.10
CA UNK G 203 37.71 -25.66 66.13
CA UNK G 204 37.27 -28.10 68.96
CA UNK G 205 34.21 -29.74 67.58
CA UNK G 206 35.85 -30.36 64.17
CA UNK G 207 38.79 -32.10 65.66
CA UNK G 208 37.93 -35.76 65.34
CA UNK G 209 -16.58 -7.38 66.83
CA UNK G 210 -13.94 -9.93 65.76
CA UNK G 211 -15.95 -13.02 66.79
CA UNK G 212 -18.68 -11.84 64.41
CA UNK G 213 -16.12 -11.51 61.64
CA UNK G 214 -14.76 -14.90 62.56
CA UNK G 215 -18.14 -16.66 62.73
CA UNK G 216 -18.84 -15.15 59.32
CA UNK G 217 -15.63 -16.65 58.12
CA UNK G 218 -16.05 -20.14 59.60
CA UNK G 219 -19.59 -20.67 58.30
CA UNK G 220 -18.66 -19.52 54.79
CA UNK G 221 -17.00 -22.89 54.56
CA UNK G 222 -19.50 -25.08 56.25
CA UNK G 223 -21.29 -25.20 52.93
CA UNK G 224 -18.59 -24.25 50.56
CA UNK G 225 -16.57 -27.30 51.56
CA UNK G 226 -19.54 -29.59 52.07
CA UNK G 227 -20.84 -29.03 48.54
CA UNK G 228 -17.88 -30.94 47.35
CA UNK G 229 -18.68 -33.90 49.51
CA UNK G 230 -22.29 -33.86 48.41
CA UNK G 231 -21.57 -33.32 44.78
CA UNK G 232 -19.11 -36.25 44.65
CA UNK G 233 -21.55 -38.68 46.06
CA UNK G 234 -22.97 -40.39 43.04
CA UNK G 235 -34.53 -0.44 52.26
CA UNK G 236 -30.95 -1.78 52.50
CA UNK G 237 -31.91 -5.29 53.66
CA UNK G 238 -33.97 -5.62 50.47
CA UNK G 239 -30.96 -4.55 48.42
CA UNK G 240 -28.84 -6.96 50.40
CA UNK G 241 -31.21 -9.92 50.10
CA UNK G 242 -31.29 -9.22 46.38
CA UNK G 243 -27.53 -9.37 46.40
CA UNK G 244 -27.13 -12.54 48.47
CA UNK G 245 -29.60 -14.62 46.48
CA UNK G 246 -28.09 -13.57 43.15
CA UNK G 247 -25.34 -15.96 44.11
CA UNK G 248 -27.28 -18.80 45.57
CA UNK G 249 -27.74 -20.00 42.03
CA UNK G 250 -26.52 -18.54 39.64
CA UNK G 251 -23.02 -19.02 41.03
CA UNK G 252 -23.41 -22.72 41.77
CA UNK G 253 -24.36 -23.55 38.18
CA UNK G 254 -20.84 -22.73 37.26
CA UNK G 255 -19.42 -25.16 39.74
CA UNK G 256 -21.77 -27.87 38.59
CA UNK G 257 -21.34 -27.23 34.93
CA UNK G 258 -17.51 -27.38 35.19
CA UNK G 259 -17.54 -30.71 36.84
CA UNK G 260 -16.94 -33.14 34.02
CA UNK G 261 24.15 1.89 65.04
CA UNK G 262 27.73 1.52 63.75
CA UNK G 263 29.09 -0.18 66.90
CA UNK G 264 26.48 -2.90 66.39
CA UNK G 265 27.62 -3.31 62.78
CA UNK G 266 31.20 -3.35 63.98
CA UNK G 267 30.65 -5.85 66.81
CA UNK G 268 28.92 -8.03 64.23
CA UNK G 269 31.98 -7.74 62.08
CA UNK G 270 34.61 -8.41 64.78
CA UNK G 271 33.71 -11.55 65.35
CA UNK G 272 32.55 -12.19 61.78
CA UNK G 273 36.10 -13.35 61.28
CA UNK G 274 36.73 -15.26 64.43
CA UNK G 275 35.03 -18.16 62.74
CA UNK G 276 35.34 -17.26 59.13
CA UNK G 277 39.12 -17.35 59.38
CA UNK G 278 39.27 -20.21 61.86
CA UNK G 279 37.29 -22.55 59.60
CA UNK G 280 40.25 -22.57 57.33
CA UNK G 281 42.57 -23.67 60.07
CA UNK G 282 40.18 -26.37 61.15
CA UNK G 283 39.37 -27.57 57.70
CA UNK G 284 43.06 -27.93 56.77
CA UNK G 285 43.84 -30.08 59.70
CA UNK G 286 43.67 -33.59 58.34
CA UNK G 287 1.66 -9.74 84.43
CA UNK G 288 4.51 -11.05 82.24
CA UNK G 289 5.29 -14.11 84.40
CA UNK G 290 1.68 -15.21 83.89
CA UNK G 291 2.10 -14.80 80.13
CA UNK G 292 5.36 -16.66 80.36
CA UNK G 293 4.05 -19.54 82.49
CA UNK G 294 1.23 -19.83 79.96
CA UNK G 295 3.83 -20.07 77.26
CA UNK G 296 6.15 -22.59 78.96
CA UNK G 297 3.98 -25.12 78.91
CA UNK G 298 2.27 -23.99 75.70
CA UNK G 299 4.82 -26.22 74.05
CA UNK G 300 4.85 -29.17 76.36
CA UNK G 301 1.83 -30.39 74.46
CA UNK G 302 2.12 -28.52 71.25
CA UNK G 303 5.44 -30.19 70.51
CA UNK G 304 4.54 -33.53 72.05
CA UNK G 305 1.46 -33.96 69.84
CA UNK G 306 3.82 -34.39 66.99
CA UNK G 307 5.67 -37.19 68.68
CA UNK G 308 2.44 -38.91 69.60
CA UNK G 309 0.80 -38.43 66.28
CA UNK G 310 3.79 -39.90 64.39
CA UNK G 311 3.81 -43.02 66.39
CA UNK G 312 1.91 -45.48 64.27
CA UNK H 1 54.17 -28.70 -12.96
CA UNK H 2 50.56 -29.79 -13.70
CA UNK H 3 46.91 -30.87 -14.18
CA UNK H 4 43.20 -31.87 -14.01
CA UNK H 5 39.64 -32.57 -12.83
CA UNK H 6 36.15 -32.13 -11.35
CA UNK H 7 33.46 -30.98 -8.92
CA UNK H 8 31.04 -30.50 -6.01
CA UNK H 9 27.72 -31.80 -4.64
CA UNK H 10 24.43 -33.74 -4.69
CA UNK H 11 22.41 -32.00 -7.43
CA UNK H 12 25.05 -29.83 -9.15
CA UNK H 13 27.62 -30.43 -11.90
CA UNK H 14 31.32 -29.52 -12.16
CA UNK H 15 34.31 -28.27 -14.18
CA UNK H 16 38.07 -28.07 -13.60
CA UNK H 17 41.73 -27.27 -14.29
CA UNK H 18 44.70 -27.78 -11.96
CA UNK H 19 47.65 -25.45 -12.60
CA UNK H 20 51.00 -26.09 -10.87
CA UNK H 21 54.23 -27.51 -9.43
CA UNK H 22 52.33 -27.08 -6.16
CA UNK H 23 49.51 -24.59 -6.81
CA UNK H 24 49.27 -21.58 -9.15
CA UNK H 25 46.38 -21.72 -11.63
CA UNK H 26 42.65 -22.29 -11.07
CA UNK H 27 40.17 -22.75 -13.93
CA UNK H 28 36.71 -23.67 -15.25
CA UNK H 29 37.72 -22.24 -18.62
CA UNK H 30 38.80 -18.93 -17.06
CA UNK H 31 39.70 -17.80 -13.53
CA UNK H 32 39.48 -17.81 -9.72
CA UNK H 33 40.87 -17.04 -6.25
CA UNK H 34 39.68 -18.70 -3.04
CA UNK H 35 39.89 -20.01 0.54
CA UNK H 36 43.57 -20.44 1.45
CA UNK H 37 46.92 -22.16 2.01
CA UNK H 38 44.77 -25.22 1.30
CA UNK H 39 46.76 -25.57 -1.94
CA UNK H 40 48.93 -28.70 -1.74
CA UNK H 41 49.10 -32.50 -1.93
CA UNK H 42 57.77 -43.12 -22.41
CA UNK H 43 55.90 -42.93 -19.06
CA UNK H 44 53.43 -43.95 -16.30
CA UNK H 45 51.01 -43.35 -13.37
CA UNK H 46 48.30 -43.95 -10.76
CA UNK H 47 45.82 -42.33 -8.35
CA UNK H 48 45.12 -40.10 -5.33
CA UNK H 49 44.21 -36.41 -5.63
CA UNK H 50 42.53 -33.06 -4.94
CA UNK H 51 38.97 -31.91 -4.23
CA UNK H 52 41.35 -40.73 -9.30
CA UNK H 53 43.68 -40.46 -12.31
CA UNK H 54 46.26 -40.57 -15.12
CA UNK H 55 49.47 -40.09 -17.18
CA UNK H 56 53.08 -38.91 -16.99
CA UNK H 57 56.06 -36.86 -18.22
CA UNK H 58 59.43 -35.46 -19.34
CA UNK H 59 62.92 -33.94 -19.45
CA UNK H 60 64.83 -36.66 -17.60
CA UNK H 61 68.19 -32.93 -11.09
CA UNK H 62 65.41 -31.19 -13.04
CA UNK H 63 63.13 -29.36 -15.47
CA UNK H 64 59.87 -30.70 -16.94
CA UNK H 65 56.37 -32.13 -16.48
CA UNK H 66 53.20 -34.11 -15.71
CA UNK H 67 49.43 -34.48 -16.15
CA UNK H 68 46.15 -36.16 -15.19
CA UNK H 69 42.50 -37.20 -14.75
CA UNK H 70 39.30 -38.89 -13.56
CA UNK H 71 36.09 -39.56 -11.61
CA UNK H 72 33.33 -40.67 -9.21
CA UNK H 73 30.34 -40.07 -6.92
CA UNK H 74 27.83 -40.67 -4.12
CA UNK H 75 24.11 -39.91 -3.72
CA UNK H 76 20.65 -38.92 -2.45
CA UNK H 77 57.36 -30.24 -11.32
CA UNK H 78 56.32 -30.87 -7.67
CA UNK H 79 54.17 -31.84 -4.63
CA UNK H 80 53.58 -32.80 -0.96
CA UNK H 81 52.36 -35.35 1.60
CA UNK H 82 53.36 -38.38 -0.50
CA UNK H 83 51.06 -41.15 0.76
CA UNK H 84 49.76 -44.42 -0.71
CA UNK H 85 51.13 -45.52 -4.09
CA UNK H 86 52.34 -45.41 -7.71
CA UNK H 87 54.10 -45.75 -11.07
CA UNK H 88 56.12 -45.89 -14.30
CA UNK H 89 58.19 -46.77 -17.39
CA UNK H 90 59.68 -47.00 -20.89
CA UNK H 91 62.39 -44.93 -22.60
CA UNK H 92 64.92 -44.61 -19.75
CA UNK H 93 67.91 -43.45 -17.69
CA UNK H 94 69.54 -42.17 -14.49
CA UNK H 95 69.68 -39.61 -11.67
CA UNK H 96 71.19 -36.75 -9.64
CA UNK H 97 70.33 -35.44 -6.17
CA UNK H 98 68.18 -36.36 -3.15
CA UNK H 99 60.48 -51.65 -21.10
CA UNK H 100 59.52 -52.46 -17.46
CA UNK H 101 59.03 -50.77 -14.04
CA UNK H 102 58.22 -49.17 -10.64
CA UNK H 103 57.17 -47.32 -7.48
CA UNK H 104 56.91 -45.61 -4.09
CA UNK H 105 58.59 -42.44 -2.77
CA UNK H 106 59.13 -38.88 -1.54
CA UNK H 107 56.27 -36.46 -2.30
CA UNK H 108 63.23 -38.50 -5.05
CA UNK H 109 64.21 -42.18 -4.74
CA UNK H 110 64.58 -45.94 -4.24
CA UNK H 111 65.21 -49.37 -5.77
CA UNK H 112 63.57 -52.58 -7.00
CA UNK H 113 66.27 -52.58 -9.69
CA UNK H 114 67.52 -51.12 -12.98
CA UNK H 115 70.27 -48.51 -12.62
CA UNK I 1 34.71 -70.47 34.92
CA UNK I 2 31.87 -71.91 37.02
CA UNK I 3 30.08 -70.72 40.17
CA UNK I 4 29.45 -68.35 43.10
CA UNK I 5 29.83 -65.21 45.40
CA UNK I 6 28.09 -62.44 47.17
CA UNK I 7 30.62 -59.59 47.78
CA UNK I 8 29.23 -57.68 50.61
CA UNK I 9 27.40 -54.42 51.28
CA UNK I 10 30.63 -52.57 52.04
CA UNK I 11 32.65 -54.29 48.81
CA UNK I 12 30.49 -52.62 46.48
CA UNK I 13 31.11 -49.10 47.77
CA UNK I 14 34.86 -49.75 47.60
CA UNK I 15 34.47 -51.11 44.33
CA UNK I 16 32.61 -47.91 42.99
CA UNK I 17 35.33 -45.53 44.20
CA UNK I 18 38.02 -47.55 42.29
CA UNK I 19 35.81 -47.40 39.24
CA UNK I 20 35.36 -43.69 39.65
CA UNK I 21 39.06 -43.01 40.03
CA UNK I 22 40.39 -45.45 37.44
CA UNK I 23 36.78 -45.80 36.12
CA UNK I 24 34.79 -42.87 34.81
CA UNK I 25 36.40 -42.78 31.38
CA UNK I 26 34.78 -46.13 30.75
CA UNK I 27 35.71 -46.35 27.00
CA UNK I 28 38.50 -44.66 25.03
CA UNK I 29 37.35 -46.65 22.00
CA UNK I 30 34.13 -48.51 21.29
CA UNK I 31 34.27 -51.45 23.70
CA UNK I 32 32.49 -52.40 26.78
CA UNK I 33 29.75 -54.25 28.45
CA UNK I 34 28.49 -58.00 28.58
CA UNK I 35 30.87 -59.74 26.17
CA UNK I 36 32.52 -61.58 29.06
CA UNK I 37 32.52 -61.45 32.81
CA UNK I 38 33.61 -63.20 36.01
CA UNK I 39 35.61 -63.34 39.21
CA UNK I 40 38.29 -65.55 37.82
CA UNK I 41 38.33 -63.81 34.45
CA UNK I 42 38.36 -60.33 35.96
CA UNK I 43 41.11 -61.27 38.35
CA UNK I 44 43.46 -62.28 35.70
CA UNK I 45 42.30 -59.85 33.07
CA UNK I 46 42.34 -57.06 35.64
CA UNK I 47 46.10 -56.84 35.86
CA UNK I 48 47.06 -58.52 32.59
CA UNK I 49 45.24 -56.52 29.78
CA UNK I 50 44.81 -57.81 26.22
CA UNK I 51 43.02 -57.33 22.91
CA UNK I 52 40.01 -59.32 22.15
CA UNK I 53 42.59 -61.61 20.55
CA UNK I 54 46.22 -61.16 21.56
CA UNK I 55 48.25 -58.25 21.72
CA UNK I 56 49.95 -57.66 25.10
CA UNK I 57 47.52 -55.84 27.42
CA UNK I 58 50.05 -53.10 27.99
CA UNK I 59 48.50 -49.74 28.79
CA UNK I 60 46.80 -50.91 32.05
CA UNK I 61 48.30 -52.25 34.98
CA UNK I 62 51.87 -53.11 35.96
CA UNK I 63 54.87 -50.95 34.95
CA UNK I 64 54.53 -48.67 37.48
CA UNK I 65 52.07 -46.34 35.67
CA UNK I 66 51.57 -43.94 38.51
CA UNK I 67 48.28 -45.54 40.11
CA UNK I 68 49.67 -48.79 41.51
CA UNK I 69 49.21 -49.01 45.31
CA UNK I 70 47.39 -52.56 45.99
CA UNK I 71 43.60 -52.98 45.92
CA UNK I 72 41.46 -55.97 46.88
CA UNK I 73 39.45 -53.49 45.18
CA UNK I 74 40.26 -54.94 41.76
CA UNK I 75 38.32 -57.87 43.22
CA UNK I 76 36.12 -55.44 45.04
CA UNK I 77 35.73 -53.31 41.93
CA UNK I 78 34.88 -56.29 39.77
CA UNK I 79 32.13 -57.35 42.16
CA UNK I 80 30.66 -53.85 42.13
CA UNK I 81 31.00 -53.71 38.39
CA UNK I 82 29.06 -56.99 37.86
CA UNK I 83 26.27 -55.68 40.08
CA UNK I 84 26.08 -52.20 38.58
CA UNK I 85 26.77 -53.07 34.98
CA UNK I 86 24.01 -55.70 34.66
CA UNK I 87 21.39 -53.66 36.66
CA UNK J 1 -30.76 21.87 -5.67
CA UNK J 2 -32.68 19.44 -3.39
CA UNK J 3 -36.38 19.07 -4.36
CA UNK J 4 -39.68 18.77 -6.30
CA UNK J 5 -42.52 17.65 -8.46
CA UNK J 6 -40.95 14.23 -9.08
CA UNK J 7 -41.86 12.05 -6.12
CA UNK J 8 -41.83 8.98 -8.63
CA UNK J 9 -39.00 10.73 -10.56
CA UNK J 10 -36.95 10.57 -7.35
CA UNK J 11 -37.83 6.88 -6.97
CA UNK J 12 -37.08 6.00 -10.61
CA UNK J 13 -33.69 7.74 -10.14
CA UNK J 14 -33.09 5.56 -7.07
CA UNK J 15 -34.15 2.29 -8.65
CA UNK J 16 -32.06 2.58 -11.80
CA UNK J 17 -29.00 3.57 -9.89
CA UNK J 18 -28.86 -0.07 -8.81
CA UNK J 19 -29.56 -1.72 -12.16
CA UNK J 20 -25.92 -1.16 -13.08
CA UNK J 21 -24.44 -0.75 -9.61
CA UNK J 22 -25.65 -4.23 -8.75
CA UNK J 23 -25.21 -5.94 -12.10
CA UNK J 24 -21.59 -4.90 -12.33
CA UNK J 25 -20.87 -7.40 -9.58
CA UNK J 26 -22.53 -10.17 -11.58
CA UNK J 27 -20.65 -9.23 -14.79
CA UNK J 28 -17.30 -8.73 -12.99
CA UNK J 29 -17.48 -12.10 -11.30
CA UNK J 30 -18.07 -14.07 -14.51
CA UNK J 31 -14.61 -15.23 -15.49
CA UNK J 32 -32.41 -7.71 -16.89
CA UNK J 33 -31.51 -5.15 -19.58
CA UNK J 34 -35.03 -3.70 -19.93
CA UNK J 35 -34.90 -2.85 -16.22
CA UNK J 36 -31.55 -1.10 -16.76
CA UNK J 37 -33.03 0.58 -19.80
CA UNK J 38 -36.18 1.77 -18.06
CA UNK J 39 -34.13 3.15 -15.27
CA UNK J 40 -32.08 5.08 -17.88
CA UNK J 41 -35.10 6.34 -19.79
CA UNK J 42 -36.90 7.45 -16.51
CA UNK J 43 -33.65 9.08 -15.37
CA UNK J 44 -34.41 11.71 -18.01
CA UNK J 45 -37.82 11.72 -16.59
CA UNK J 46 -36.13 13.23 -13.52
CA UNK J 47 -33.15 14.73 -15.34
CA UNK J 48 -35.31 16.60 -17.79
CA UNK J 49 -38.04 17.45 -15.26
CA UNK J 50 -35.68 19.06 -12.76
CA UNK J 51 -35.27 21.83 -15.27
CA UNK J 52 -39.02 22.43 -15.48
CA UNK J 53 -39.22 22.35 -11.69
CA UNK J 54 -36.18 24.63 -11.00
CA UNK J 55 -37.46 27.19 -13.48
CA UNK J 56 -40.89 27.60 -11.94
CA UNK J 57 -40.08 30.57 -9.60
CA UNK J 58 -37.17 31.91 -11.67
CA UNK J 59 -36.04 32.32 -15.27
CA UNK J 60 -33.21 30.68 -17.19
CA UNK J 61 -35.37 27.73 -16.84
CA UNK J 62 -35.91 26.76 -20.45
CA UNK J 63 -32.26 27.03 -21.04
CA UNK J 64 -31.82 24.42 -18.33
CA UNK J 65 -34.82 22.56 -19.75
CA UNK J 66 -33.25 23.20 -23.13
CA UNK J 67 -30.05 21.70 -21.72
CA UNK J 68 -31.89 18.58 -20.57
CA UNK J 69 -32.27 19.86 -24.18
CA UNK J 70 -30.79 18.24 -25.85
CA UNK J 71 -28.56 16.46 -23.35
CA UNK J 72 -31.24 13.95 -23.16
CA UNK J 73 -31.68 13.24 -26.95
CA UNK J 74 -28.73 11.07 -26.86
CA UNK J 75 -29.43 9.21 -23.78
CA UNK J 76 -32.73 9.11 -25.64
CA UNK J 77 -31.16 8.34 -29.01
CA UNK J 78 -30.55 4.86 -27.91
CA UNK J 79 -34.33 4.56 -27.82
CA UNK J 80 -34.56 5.70 -31.44
CA UNK J 81 -31.77 3.38 -32.59
CA UNK J 82 -33.03 0.40 -30.57
CA UNK J 83 -36.60 0.73 -31.88
CA UNK J 84 -35.41 0.61 -35.49
CA UNK J 85 -35.81 -2.99 -36.51
CA UNK J 86 -15.20 -1.76 -18.51
CA UNK J 87 -18.55 -1.42 -20.25
CA UNK J 88 -18.30 2.09 -21.55
CA UNK J 89 -15.46 1.16 -23.89
CA UNK J 90 -17.74 -1.51 -25.36
CA UNK J 91 -20.39 1.17 -26.01
CA UNK J 92 -17.66 3.10 -27.82
CA UNK J 93 -16.75 0.07 -29.93
CA UNK J 94 -20.39 -0.49 -30.81
CA UNK J 95 -21.13 3.18 -31.53
CA UNK J 96 -17.93 3.69 -33.49
CA UNK J 97 -18.55 0.57 -35.54
CA UNK J 98 -22.16 1.32 -36.44
CA UNK J 99 -21.21 4.85 -37.48
CA UNK J 100 -20.11 2.85 -40.56
CA UNK J 101 -19.35 6.38 -41.72
CA UNK J 102 -23.32 14.56 -42.71
CA UNK J 103 -24.99 16.07 -39.61
CA UNK J 104 -22.88 14.16 -37.06
CA UNK J 105 -19.79 15.73 -38.65
CA UNK J 106 -21.37 19.22 -38.28
CA UNK J 107 -22.41 18.19 -34.76
CA UNK J 108 -18.96 16.97 -33.71
CA UNK J 109 -17.46 20.15 -35.22
CA UNK J 110 -19.95 22.23 -33.06
CA UNK J 111 -18.69 20.20 -30.10
CA UNK J 112 -15.55 21.15 -31.37
CA UNK J 113 -17.06 24.57 -30.71
CA UNK J 114 -17.54 23.57 -27.12
CA UNK J 115 -13.90 23.08 -27.40
CA UNK J 116 -13.71 26.83 -28.68
CA UNK J 117 -15.77 28.59 -26.32
CA UNK J 118 -14.58 27.13 -22.89
CA UNK J 119 -10.84 27.45 -23.51
CA UNK J 120 -12.20 30.93 -24.26
CA UNK J 121 -14.12 31.18 -21.04
CA UNK J 122 -10.94 30.17 -19.19
CA UNK J 123 -8.74 32.36 -21.41
CA UNK J 124 -11.16 35.35 -21.23
CA UNK J 125 -11.39 34.95 -17.47
CA UNK J 126 -7.67 35.07 -16.80
CA UNK J 127 -7.25 38.80 -16.21
CA UNK J 128 -10.60 43.03 -21.56
CA UNK J 129 -13.09 42.70 -24.40
CA UNK J 130 -11.30 45.55 -26.15
CA UNK J 131 -8.04 43.61 -25.86
CA UNK J 132 -9.68 40.33 -26.92
CA UNK J 133 -11.18 42.03 -29.98
CA UNK J 134 -7.93 43.53 -31.24
CA UNK J 135 -5.96 40.43 -30.31
CA UNK J 136 -8.48 38.33 -32.23
CA UNK J 137 -8.27 40.65 -35.23
CA UNK J 138 -12.25 40.95 -35.51
CA UNK J 139 -15.07 42.07 -33.20
CA UNK J 140 -16.73 40.58 -30.11
CA UNK J 141 -19.92 41.69 -27.93
CA UNK J 142 -20.57 42.01 -24.23
CA UNK J 143 -23.24 39.82 -22.68
CA UNK J 144 -23.02 37.35 -25.10
CA UNK J 145 -21.52 34.30 -23.40
CA UNK J 146 -24.87 32.53 -23.02
CA UNK J 147 -25.71 33.25 -26.61
CA UNK J 148 -22.50 31.50 -27.61
CA UNK J 149 -23.21 28.64 -25.22
CA UNK J 150 -26.74 28.10 -26.36
CA UNK J 151 -25.46 28.07 -29.94
CA UNK J 152 -23.03 25.30 -28.97
CA UNK J 153 -24.85 23.14 -26.37
CA UNK J 154 -27.58 23.48 -28.99
CA UNK J 155 -25.26 22.83 -31.93
CA UNK J 156 -25.37 19.16 -30.81
CA UNK J 157 -29.09 19.14 -30.00
CA UNK J 158 -29.44 18.26 -33.68
CA UNK J 159 -26.12 17.12 -34.84
CA UNK J 160 -26.20 14.49 -32.10
CA UNK J 161 -29.83 13.60 -32.74
CA UNK J 162 -28.15 12.36 -35.49
CA UNK J 163 -27.55 8.73 -34.34
CA UNK J 164 -31.25 8.25 -33.82
CA UNK J 165 -32.17 9.90 -37.08
CA UNK J 166 -29.53 8.19 -39.11
CA UNK J 167 -30.42 4.69 -37.97
CA UNK J 168 -34.07 5.21 -38.91
CA UNK J 169 -34.30 3.58 -42.29
CA UNK K 1 11.00 42.61 -30.65
CA UNK K 2 7.16 43.15 -32.62
CA UNK K 3 4.58 40.33 -32.43
CA UNK K 4 2.30 42.47 -34.61
CA UNK K 5 3.72 39.18 -35.83
CA UNK K 6 6.09 39.15 -38.74
CA UNK K 7 4.92 35.54 -38.31
CA UNK K 8 1.27 35.88 -37.73
CA UNK K 9 0.79 37.35 -41.19
CA UNK K 10 3.07 34.95 -42.95
CA UNK K 11 1.48 31.81 -41.54
CA UNK K 12 -2.10 32.93 -42.21
CA UNK K 13 -1.15 32.35 -45.83
CA UNK K 14 0.49 28.91 -45.63
CA UNK K 15 -2.91 27.42 -44.98
CA UNK K 16 -5.11 29.77 -47.04
CA UNK K 17 -3.12 29.60 -50.23
CA UNK K 18 -2.41 25.83 -49.84
CA UNK K 19 -6.14 25.19 -49.51
CA UNK K 20 -6.49 26.19 -53.13
CA UNK K 21 -3.90 23.68 -54.29
CA UNK K 22 -5.33 20.85 -52.24
CA UNK K 23 -9.00 21.58 -53.29
CA UNK K 24 -7.97 21.67 -56.93
CA UNK K 25 -6.27 18.28 -56.96
CA UNK K 26 -9.20 16.11 -58.02
CA UNK K 27 6.23 17.86 -49.13
CA UNK K 28 4.68 17.23 -45.70
CA UNK K 29 7.39 19.04 -43.70
CA UNK K 30 6.59 22.16 -45.73
CA UNK K 31 2.90 21.76 -44.87
CA UNK K 32 3.90 21.12 -41.29
CA UNK K 33 6.19 24.12 -41.02
CA UNK K 34 3.52 26.30 -42.44
CA UNK K 35 1.15 24.96 -39.74
CA UNK K 36 3.62 25.38 -36.91
CA UNK K 37 4.53 28.97 -37.71
CA UNK K 38 0.94 30.14 -38.17
CA UNK K 39 0.76 29.68 -34.41
CA UNK K 40 3.96 31.45 -33.30
CA UNK K 41 2.35 34.74 -34.22
CA UNK K 42 -1.31 33.98 -33.42
CA UNK K 43 -0.76 32.62 -29.97
CA UNK K 44 1.95 35.23 -29.11
CA UNK K 45 -0.46 38.00 -30.07
CA UNK K 46 -2.49 37.05 -27.02
CA UNK K 47 0.46 37.39 -24.67
CA UNK K 48 1.58 40.70 -26.12
CA UNK K 49 -1.64 42.18 -26.46
CA UNK K 50 -1.82 43.09 -22.81
CA UNK K 51 -1.32 41.75 -19.31
CA UNK K 52 -4.61 40.88 -18.67
CA UNK K 53 -5.45 38.27 -16.04
CA UNK K 54 -7.86 36.92 -18.70
CA UNK K 55 -5.69 37.16 -21.82
CA UNK K 56 -2.59 35.99 -20.02
CA UNK K 57 -4.47 32.87 -18.83
CA UNK K 58 -5.80 32.40 -22.30
CA UNK K 59 -2.39 32.78 -23.98
CA UNK K 60 -0.98 30.24 -21.56
CA UNK K 61 -3.81 27.86 -22.52
CA UNK K 62 -3.71 28.52 -26.24
CA UNK K 63 -0.14 27.13 -26.39
CA UNK K 64 -0.91 24.09 -24.36
CA UNK K 65 -3.60 23.14 -26.84
CA UNK K 66 -2.13 24.60 -30.05
CA UNK K 67 1.24 23.25 -29.66
CA UNK K 68 0.22 20.06 -27.88
CA UNK K 69 -2.04 19.00 -30.73
CA UNK K 70 0.47 20.40 -33.44
CA UNK K 71 3.37 18.45 -32.07
CA UNK K 72 1.41 15.41 -32.87
CA UNK K 73 1.80 16.14 -36.49
CA UNK K 74 5.52 16.34 -35.82
CA UNK K 75 5.86 13.76 -33.03
CA UNK K 76 3.71 11.11 -34.61
CA UNK K 77 5.96 11.33 -37.74
CA UNK K 78 8.64 8.74 -37.79
CA UNK K 79 9.98 8.44 -41.41
CA UNK K 80 6.87 10.43 -42.24
CA UNK K 81 3.68 10.26 -44.31
CA UNK K 82 2.38 12.39 -47.21
CA UNK K 83 -0.74 14.18 -48.36
CA UNK K 84 -2.83 17.27 -49.06
CA UNK K 85 -6.52 16.42 -49.20
CA UNK K 86 -10.14 16.72 -50.21
CA UNK K 87 -13.48 16.38 -48.48
CA UNK K 88 -11.72 17.17 -45.09
CA UNK K 89 -13.31 13.92 -44.09
CA UNK K 90 -10.65 11.41 -45.39
CA UNK K 91 -8.18 12.84 -42.78
CA UNK K 92 -10.94 11.90 -40.22
CA UNK K 93 -11.06 8.38 -41.73
CA UNK K 94 -7.35 8.18 -41.13
CA UNK K 95 -7.75 9.30 -37.54
CA UNK K 96 -10.45 6.74 -36.94
CA UNK K 97 -8.63 3.91 -38.71
CA UNK K 98 -5.31 4.73 -37.07
CA UNK K 99 -6.82 4.92 -33.60
CA UNK K 100 -8.80 1.87 -33.93
CA UNK K 101 -5.67 0.31 -35.42
CA UNK K 102 -3.02 1.53 -32.98
CA UNK K 103 -5.21 0.81 -30.31
CA UNK K 104 -7.46 3.66 -29.25
CA UNK K 105 -10.63 3.87 -27.09
CA UNK K 106 -9.00 2.04 -24.18
CA UNK K 107 -7.36 4.66 -22.03
CA UNK K 108 -6.18 8.25 -22.12
CA UNK K 109 -9.86 8.97 -21.94
CA UNK K 110 -9.13 11.97 -19.66
CA UNK K 111 -8.65 14.02 -22.83
CA UNK K 112 -11.33 12.32 -25.03
CA UNK K 113 -13.39 13.40 -22.03
CA UNK K 114 -11.59 16.73 -21.61
CA UNK K 115 -13.41 18.00 -24.75
CA UNK K 116 -16.65 16.21 -23.92
CA UNK K 117 -16.50 18.30 -20.75
CA UNK K 118 -16.57 20.84 -23.57
CA UNK K 119 -20.32 20.57 -23.03
CA UNK K 120 -19.57 21.34 -19.37
CA UNK K 121 -17.75 24.24 -20.67
CA UNK K 122 -20.54 26.48 -21.99
CA UNK K 123 -23.29 24.31 -20.79
CA UNK K 124 -23.37 25.12 -17.14
CA UNK K 125 -22.56 28.85 -17.51
CA UNK K 126 -24.96 29.24 -20.47
CA UNK K 127 -27.47 29.00 -17.55
CA UNK K 128 -27.01 32.74 -16.85
CA UNK K 129 -28.52 33.85 -20.19
CA UNK K 130 -31.44 35.19 -18.81
CA UNK K 131 -31.82 31.99 -16.81
CA UNK K 132 -30.37 34.14 -14.04
CA UNK K 133 -28.26 36.73 -15.33
CA UNK K 134 -26.05 38.03 -12.36
CA UNK K 135 -27.34 35.16 -10.25
CA UNK K 136 -25.58 33.85 -7.24
CA UNK K 137 -28.97 33.28 -5.62
CA UNK K 138 -30.08 31.18 -8.57
CA UNK K 139 -26.75 29.32 -8.69
CA UNK K 140 -27.01 28.55 -4.96
CA UNK K 141 -30.50 27.08 -5.10
CA UNK K 142 -29.81 25.12 -8.28
CA UNK K 143 -26.97 23.23 -6.55
CA UNK K 144 -24.62 21.52 -6.72
CA UNK K 145 -23.01 24.97 -7.26
CA UNK K 146 -19.43 25.93 -6.45
CA UNK K 147 -16.91 28.27 -4.82
CA UNK K 148 -17.20 31.27 -7.14
CA UNK K 149 -16.37 32.03 -10.80
CA UNK K 150 -14.27 28.93 -11.25
CA UNK K 151 -15.60 28.75 -14.81
CA UNK K 152 -12.36 30.44 -15.79
CA UNK K 153 -10.44 27.97 -13.61
CA UNK K 154 -12.45 25.10 -15.04
CA UNK K 155 -12.06 26.20 -18.67
CA UNK K 156 -8.27 26.40 -18.02
CA UNK K 157 -8.42 22.85 -16.57
CA UNK K 158 -10.54 21.48 -19.47
CA UNK K 159 -8.28 22.96 -22.16
CA UNK K 160 -5.17 22.19 -20.18
CA UNK K 161 -6.57 18.90 -18.87
CA UNK K 162 -7.44 17.37 -22.24
CA UNK K 163 -4.20 18.16 -24.11
CA UNK K 164 -2.27 16.73 -21.05
CA UNK K 165 -4.48 13.66 -21.02
CA UNK K 166 -4.38 13.20 -24.82
CA UNK K 167 -1.12 15.00 -25.67
CA UNK K 168 0.87 12.53 -23.59
CA UNK K 169 -1.28 9.69 -24.88
CA UNK K 170 -1.16 10.92 -28.47
CA UNK K 171 2.62 11.33 -28.43
CA UNK K 172 3.29 7.96 -26.95
CA UNK K 173 1.35 6.06 -29.63
CA UNK K 174 4.01 5.05 -32.10
CA UNK L 1 -67.82 26.74 -22.54
CA UNK L 2 -70.73 24.95 -24.25
CA UNK L 3 -69.30 25.18 -27.79
CA UNK L 4 -66.24 23.30 -26.52
CA UNK L 5 -68.57 20.64 -25.01
CA UNK L 6 -70.48 20.69 -28.30
CA UNK L 7 -67.42 20.31 -30.53
CA UNK L 8 -66.24 17.53 -28.26
CA UNK L 9 -69.48 15.90 -28.97
CA UNK L 10 -69.57 16.33 -32.66
CA UNK L 11 -66.09 14.75 -33.02
CA UNK L 12 -67.70 11.52 -32.03
CA UNK L 13 -68.65 11.26 -35.78
CA UNK L 14 -64.91 10.84 -37.15
CA UNK L 15 -62.75 8.69 -34.79
CA UNK L 16 -65.50 5.96 -34.67
CA UNK L 17 -65.19 6.02 -38.43
CA UNK L 18 -61.49 5.40 -38.49
CA UNK L 19 -61.75 2.20 -36.46
CA UNK L 20 -63.75 0.57 -39.24
CA UNK L 21 -61.03 1.34 -41.77
CA UNK L 22 -58.41 0.03 -39.33
CA UNK L 23 -60.25 -3.19 -38.35
CA UNK L 24 -60.89 -3.91 -42.01
CA UNK L 25 -57.28 -3.68 -43.12
CA UNK L 26 -56.27 -7.31 -42.76
CA UNK L 27 -64.87 4.31 -54.93
CA UNK L 28 -67.55 5.09 -52.32
CA UNK L 29 -65.44 4.07 -49.30
CA UNK L 30 -62.88 6.67 -50.39
CA UNK L 31 -65.64 9.30 -50.56
CA UNK L 32 -66.90 8.05 -47.23
CA UNK L 33 -63.52 8.14 -45.52
CA UNK L 34 -63.09 11.57 -46.85
CA UNK L 35 -66.31 12.64 -45.27
CA UNK L 36 -65.85 10.79 -42.03
CA UNK L 37 -63.02 12.81 -41.10
CA UNK L 38 -64.44 15.96 -42.83
CA UNK L 39 -66.39 16.63 -39.65
CA UNK L 40 -63.72 16.05 -37.01
CA UNK L 41 -62.11 19.28 -38.11
CA UNK L 42 -65.18 21.29 -39.15
CA UNK L 43 -67.20 20.70 -36.05
CA UNK L 44 -64.14 21.02 -33.72
CA UNK L 45 -63.36 24.40 -35.26
CA UNK L 46 -66.50 25.70 -33.62
CA UNK L 47 -65.44 24.53 -30.17
CA UNK L 48 -61.92 25.89 -30.50
CA UNK L 49 -63.08 29.32 -31.91
CA UNK L 50 -65.59 29.66 -29.09
CA UNK L 51 -63.11 29.13 -26.27
CA UNK L 52 -62.11 32.73 -25.61
CA UNK L 53 -53.60 46.03 -42.99
CA UNK L 54 -54.08 45.47 -46.74
CA UNK L 55 -50.98 43.30 -47.21
CA UNK L 56 -52.43 40.91 -44.62
CA UNK L 57 -55.70 40.81 -46.57
CA UNK L 58 -53.69 40.36 -49.74
CA UNK L 59 -51.52 37.56 -48.40
CA UNK L 60 -54.57 35.78 -47.17
CA UNK L 61 -56.01 36.07 -50.71
CA UNK L 62 -52.85 34.94 -52.45
CA UNK L 63 -52.33 31.84 -50.33
CA UNK L 64 -55.95 30.65 -50.56
CA UNK L 65 -55.02 29.92 -54.16
CA UNK L 66 -51.70 28.08 -53.72
CA UNK L 67 -53.62 25.15 -52.30
CA UNK L 68 -56.86 25.41 -54.30
CA UNK L 69 -55.29 25.65 -57.70
CA UNK L 70 -52.55 23.08 -56.89
CA UNK L 71 -55.22 20.59 -55.83
CA UNK L 72 -56.26 20.43 -59.47
CA UNK L 73 -52.77 19.56 -60.65
CA UNK L 74 -52.23 16.93 -57.98
CA UNK L 75 -55.72 15.30 -58.51
CA UNK L 76 -55.10 15.13 -62.24
CA UNK L 77 -51.78 13.32 -62.04
CA UNK L 78 -53.00 9.73 -62.26
CA UNK L 79 -42.29 11.49 -67.54
CA UNK L 80 -43.18 10.51 -63.95
CA UNK L 81 -40.70 12.90 -62.29
CA UNK L 82 -42.45 15.76 -64.08
CA UNK L 83 -45.81 14.52 -62.76
CA UNK L 84 -44.21 14.12 -59.36
CA UNK L 85 -42.65 17.56 -59.29
CA UNK L 86 -45.91 19.14 -60.10
CA UNK L 87 -47.86 17.07 -57.55
CA UNK L 88 -46.33 17.47 -54.13
CA UNK L 89 -45.16 20.93 -54.97
CA UNK L 90 -48.60 22.36 -55.71
CA UNK L 91 -49.08 22.04 -51.97
CA UNK L 92 -45.82 23.55 -50.66
CA UNK L 93 -46.99 26.95 -51.82
CA UNK L 94 -50.76 26.61 -51.26
CA UNK L 95 -50.63 25.43 -47.76
CA UNK L 96 -47.70 27.66 -46.80
CA UNK L 97 -49.73 30.71 -47.91
CA UNK L 98 -52.05 30.09 -45.03
CA UNK L 99 -49.20 30.05 -42.51
CA UNK L 100 -47.78 33.21 -44.07
CA UNK L 101 -51.11 35.16 -44.31
CA UNK L 102 -51.93 34.31 -40.71
CA UNK L 103 -48.72 35.66 -39.22
CA UNK L 104 -49.82 39.22 -38.46
CA UNK L 105 -49.68 34.22 -21.55
CA UNK L 106 -51.92 31.12 -21.49
CA UNK L 107 -52.70 31.12 -25.24
CA UNK L 108 -48.94 30.87 -25.86
CA UNK L 109 -48.76 27.90 -23.48
CA UNK L 110 -51.82 26.48 -25.17
CA UNK L 111 -50.51 26.90 -28.70
CA UNK L 112 -47.37 25.29 -27.58
CA UNK L 113 -49.28 22.31 -26.36
CA UNK L 114 -51.68 22.12 -29.24
CA UNK L 115 -49.03 21.18 -31.49
CA UNK L 116 -46.85 19.52 -28.86
CA UNK L 117 -49.12 16.52 -29.37
CA UNK L 118 -49.00 16.90 -33.12
CA UNK L 119 -45.36 15.89 -33.02
CA UNK L 120 -45.38 13.50 -30.03
CA UNK L 121 -48.21 11.38 -31.12
CA UNK L 122 -47.27 11.48 -34.80
CA UNK L 123 -43.84 10.08 -33.91
CA UNK L 124 -45.51 6.86 -32.96
CA UNK L 125 -47.30 6.58 -36.29
CA UNK L 126 -44.04 7.38 -38.09
CA UNK L 127 -41.78 4.99 -36.05
CA UNK L 128 -44.25 2.16 -36.52
CA UNK L 129 -44.38 2.34 -40.30
CA UNK L 130 -41.62 -0.14 -41.15
CA UNK L 131 -37.13 6.37 -49.81
CA UNK L 132 -38.64 5.43 -46.42
CA UNK L 133 -35.65 6.58 -44.34
CA UNK L 134 -36.11 10.05 -45.85
CA UNK L 135 -39.81 9.97 -44.86
CA UNK L 136 -38.76 8.68 -41.47
CA UNK L 137 -36.10 11.31 -40.89
CA UNK L 138 -38.61 13.96 -41.85
CA UNK L 139 -41.00 12.41 -39.32
CA UNK L 140 -38.46 12.37 -36.48
CA UNK L 141 -37.22 15.63 -37.83
CA UNK L 142 -40.62 17.30 -37.42
CA UNK L 143 -40.55 15.89 -33.91
CA UNK L 144 -37.12 16.70 -32.83
CA UNK L 145 -37.96 20.39 -32.55
CA UNK L 146 -41.71 19.88 -32.30
CA UNK L 147 -40.96 19.40 -29.09
CA UNK L 148 -38.68 22.27 -28.07
CA UNK L 149 -41.31 24.95 -28.55
CA UNK L 150 -43.48 23.19 -26.03
CA UNK L 151 -40.71 23.31 -23.43
CA UNK L 152 -40.08 26.96 -24.29
CA UNK L 153 -43.76 28.09 -24.34
CA UNK L 154 -44.34 26.43 -20.98
CA UNK L 155 -41.51 28.19 -19.16
CA UNK L 156 -43.41 31.19 -17.81
CA UNK M 1 26.78 47.71 -15.02
CA UNK M 2 30.48 46.85 -15.50
CA UNK M 3 30.39 43.60 -13.49
CA UNK M 4 27.71 42.36 -15.90
CA UNK M 5 29.95 43.26 -18.84
CA UNK M 6 32.83 41.62 -17.02
CA UNK M 7 30.97 38.42 -16.21
CA UNK M 8 29.80 38.31 -19.86
CA UNK M 9 33.48 38.53 -20.74
CA UNK M 10 34.80 35.84 -18.35
CA UNK M 11 31.99 33.57 -19.64
CA UNK M 12 34.40 33.89 -22.59
CA UNK M 13 35.99 30.72 -21.20
CA UNK M 14 32.59 28.80 -21.03
CA UNK M 15 32.34 28.78 -24.82
CA UNK M 16 36.04 28.97 -25.67
CA UNK M 17 35.33 25.83 -24.02
CA UNK M 18 32.76 24.78 -26.57
CA UNK M 19 34.95 25.64 -29.54
CA UNK M 20 37.17 22.77 -28.48
CA UNK M 21 34.28 20.30 -28.45
CA UNK M 22 33.16 21.60 -31.85
CA UNK M 23 36.65 21.61 -33.52
CA UNK M 24 37.31 18.09 -32.32
CA UNK M 25 34.19 16.54 -33.79
CA UNK M 26 35.55 15.45 -37.17
CA UNK M 27 40.86 11.74 -22.13
CA UNK M 28 41.96 15.41 -22.15
CA UNK M 29 39.22 16.63 -24.52
CA UNK M 30 36.67 15.30 -22.02
CA UNK M 31 38.41 17.23 -19.22
CA UNK M 32 38.56 20.23 -21.52
CA UNK M 33 34.91 20.09 -22.52
CA UNK M 34 34.09 19.80 -18.91
CA UNK M 35 36.00 22.95 -18.18
CA UNK M 36 34.84 24.87 -21.19
CA UNK M 37 31.42 24.93 -20.05
CA UNK M 38 32.46 25.09 -16.34
CA UNK M 39 32.74 28.85 -16.75
CA UNK M 40 29.53 29.63 -18.63
CA UNK M 41 27.63 28.92 -15.44
CA UNK M 42 30.17 30.10 -12.84
CA UNK M 43 30.89 33.45 -14.36
CA UNK M 44 27.22 34.05 -15.35
CA UNK M 45 26.18 33.41 -11.75
CA UNK M 46 27.92 36.63 -10.85
CA UNK M 47 25.98 38.66 -13.38
CA UNK M 48 22.64 37.14 -12.43
CA UNK M 49 23.25 37.54 -8.61
CA UNK M 50 24.23 41.16 -9.12
CA UNK M 51 21.11 42.19 -11.00
CA UNK M 52 18.96 43.35 -8.09
CA UNK M 53 21.00 29.61 8.47
CA UNK M 54 20.88 26.03 9.80
CA UNK M 55 18.84 24.61 6.87
CA UNK M 56 21.61 25.81 4.56
CA UNK M 57 24.20 24.00 6.72
CA UNK M 58 21.90 21.01 6.81
CA UNK M 59 21.31 20.90 3.06
CA UNK M 60 25.02 21.16 2.46
CA UNK M 61 25.48 18.15 4.79
CA UNK M 62 22.71 16.10 3.22
CA UNK M 63 23.94 16.52 -0.40
CA UNK M 64 27.58 15.89 0.57
CA UNK M 65 26.35 12.26 0.89
CA UNK M 66 24.96 12.23 -2.50
CA UNK M 67 28.42 12.28 -4.09
CA UNK M 68 28.66 9.58 -1.41
CA UNK M 69 25.44 8.20 -2.53
CA UNK M 70 26.89 7.74 -6.04
CA UNK M 71 30.15 6.25 -4.83
CA UNK M 72 28.18 3.19 -3.87
CA UNK M 73 26.78 2.88 -7.39
CA UNK M 74 30.26 3.41 -8.81
CA UNK M 75 32.10 0.97 -6.46
CA UNK M 76 29.49 -1.69 -7.17
CA UNK M 77 29.81 -1.59 -10.94
CA UNK M 78 32.45 -4.29 -11.42
CA UNK M 79 21.22 -7.52 -11.41
CA UNK M 80 22.09 -4.37 -13.38
CA UNK M 81 18.66 -2.71 -12.99
CA UNK M 82 19.16 -2.93 -9.23
CA UNK M 83 22.56 -1.25 -9.59
CA UNK M 84 20.97 1.27 -11.91
CA UNK M 85 18.05 2.08 -9.64
CA UNK M 86 20.41 2.54 -6.78
CA UNK M 87 22.37 5.01 -8.95
CA UNK M 88 19.31 6.89 -10.15
CA UNK M 89 17.81 7.42 -6.71
CA UNK M 90 21.05 8.58 -5.09
CA UNK M 91 20.50 11.66 -7.21
CA UNK M 92 16.83 12.41 -6.50
CA UNK M 93 17.81 13.46 -3.01
CA UNK M 94 21.27 14.92 -3.67
CA UNK M 95 20.31 17.16 -6.51
CA UNK M 96 16.96 18.17 -4.89
CA UNK M 97 18.82 19.23 -1.76
CA UNK M 98 20.30 22.05 -3.78
CA UNK M 99 16.91 23.33 -4.88
CA UNK M 100 15.41 23.13 -1.41
CA UNK M 101 18.46 24.81 0.30
CA UNK M 102 18.36 27.62 -2.23
CA UNK M 103 14.73 28.53 -1.72
CA UNK M 104 15.12 31.19 0.97
CA UNK M 105 10.47 39.66 -10.95
CA UNK M 106 13.18 39.28 -13.62
CA UNK M 107 15.10 36.50 -11.84
CA UNK M 108 11.89 34.44 -11.92
CA UNK M 109 11.58 35.07 -15.66
CA UNK M 110 15.25 34.26 -16.00
CA UNK M 111 15.10 31.03 -14.03
CA UNK M 112 12.17 30.08 -16.10
CA UNK M 113 14.17 30.58 -19.23
CA UNK M 114 17.36 29.04 -17.97
CA UNK M 115 15.83 25.77 -17.84
CA UNK M 116 13.32 26.42 -20.62
CA UNK M 117 16.21 25.61 -22.95
CA UNK M 118 17.24 22.62 -20.87
CA UNK M 119 14.06 20.89 -21.95
CA UNK M 120 13.61 22.36 -25.45
CA UNK M 121 17.02 21.68 -26.71
CA UNK M 122 17.32 18.33 -24.93
CA UNK M 123 14.17 17.14 -26.72
CA UNK M 124 16.08 17.24 -29.95
CA UNK M 125 18.87 15.05 -28.57
CA UNK M 126 16.27 12.66 -27.16
CA UNK M 127 14.03 12.47 -30.30
CA UNK M 128 17.05 11.84 -32.49
CA UNK M 129 18.36 8.86 -30.56
CA UNK M 130 16.61 6.07 -32.47
CA UNK M 131 13.00 -0.52 -24.59
CA UNK M 132 13.56 2.56 -26.79
CA UNK M 133 9.90 3.66 -26.85
CA UNK M 134 10.03 3.84 -23.05
CA UNK M 135 13.16 6.03 -23.29
CA UNK M 136 11.43 8.02 -26.01
CA UNK M 137 8.22 8.56 -24.07
CA UNK M 138 10.29 9.62 -21.10
CA UNK M 139 12.05 12.08 -23.41
CA UNK M 140 8.84 13.56 -24.81
CA UNK M 141 7.36 13.07 -21.37
CA UNK M 142 9.91 15.43 -19.84
CA UNK M 143 9.28 17.92 -22.65
CA UNK M 144 5.52 17.82 -22.58
CA UNK M 145 5.36 19.60 -19.23
CA UNK M 146 8.85 21.07 -19.45
CA UNK M 147 7.20 23.48 -21.49
CA UNK M 148 4.14 24.56 -19.49
CA UNK M 149 6.13 26.11 -16.67
CA UNK M 150 7.83 28.34 -19.19
CA UNK M 151 4.46 29.60 -20.40
CA UNK M 152 3.34 30.02 -16.80
CA UNK M 153 6.52 31.72 -15.49
CA UNK M 154 6.37 34.15 -18.41
CA UNK M 155 2.81 35.31 -17.80
CA UNK N 1 -18.17 44.80 -39.29
CA UNK N 2 -18.57 48.16 -41.10
CA UNK N 3 -19.61 50.53 -43.94
CA UNK N 4 -18.00 52.04 -47.09
CA UNK N 5 -20.66 49.50 -48.29
CA UNK N 6 -22.36 52.35 -50.13
CA UNK N 7 -19.38 52.71 -52.48
CA UNK N 8 -20.44 53.29 -56.17
CA UNK N 9 -17.56 54.53 -58.05
CA UNK N 10 -15.34 52.09 -56.17
CA UNK N 11 -17.88 49.28 -56.38
CA UNK N 12 -18.45 49.69 -60.13
CA UNK N 13 -14.63 49.51 -60.55
CA UNK N 14 -14.67 46.16 -58.24
CA UNK N 15 -17.88 44.81 -59.84
CA UNK N 16 -15.98 45.18 -63.03
CA UNK N 17 -12.89 43.64 -61.64
CA UNK N 18 -14.75 41.01 -59.62
CA UNK N 19 -15.47 39.53 -63.04
CA UNK N 20 -11.90 39.60 -64.57
CA UNK N 21 -10.55 37.41 -61.66
CA UNK N 22 -13.47 35.09 -62.37
CA UNK N 23 -12.59 35.32 -65.91
CA UNK N 24 -9.06 34.41 -64.95
CA UNK N 25 -10.40 31.13 -63.44
CA UNK N 26 -12.01 29.78 -66.64
CA UNK N 27 -9.08 30.47 -68.95
CA UNK N 28 -6.76 28.49 -66.67
CA UNK N 29 -8.76 25.32 -66.36
CA UNK N 30 -9.57 25.32 -70.08
CA UNK N 31 -5.81 24.93 -70.54
CA UNK N 32 -2.55 24.89 -68.01
CA UNK N 33 -1.07 23.62 -64.74
CA UNK N 34 1.57 21.76 -62.78
CA UNK N 35 -0.27 18.51 -62.25
CA UNK N 36 -3.23 16.49 -63.48
CA UNK N 37 -4.54 13.26 -65.00
CA UNK N 38 -7.83 13.05 -66.91
CA UNK N 39 -5.82 10.97 -69.39
CA UNK N 40 -3.94 8.67 -67.04
CA UNK O 1 -1.40 56.79 -45.41
CA UNK O 2 -0.83 53.04 -45.96
CA UNK O 3 -4.05 52.60 -48.01
CA UNK O 4 -3.05 49.95 -45.36
CA UNK O 5 -4.25 46.81 -43.49
CA UNK O 6 -7.52 46.64 -45.43
CA UNK O 7 -5.61 46.34 -48.70
CA UNK O 8 -3.41 43.55 -47.26
CA UNK O 9 -6.62 41.93 -45.99
CA UNK O 10 -8.48 42.12 -49.29
CA UNK O 11 -5.45 40.71 -50.99
CA UNK O 12 -5.46 37.68 -48.74
CA UNK O 13 -9.11 36.82 -48.47
CA UNK O 14 -10.88 38.19 -51.84
CA UNK O 15 -8.32 37.08 -54.44
CA UNK O 16 -8.50 33.83 -52.80
CA UNK O 17 -12.40 33.60 -53.08
CA UNK O 18 -12.92 34.58 -56.72
CA UNK O 19 -10.00 32.58 -58.10
CA UNK O 20 -10.52 29.75 -55.79
CA UNK O 21 -14.05 30.04 -57.14
CA UNK O 22 -12.85 29.29 -60.67
CA UNK O 23 -12.21 26.20 -58.75
CA UNK O 24 -15.97 25.98 -59.21
CA UNK O 25 -15.90 27.32 -62.77
CA UNK O 26 -13.02 25.00 -63.99
CA UNK O 27 -14.80 22.02 -62.46
CA UNK O 28 -18.12 22.57 -64.19
CA UNK O 29 -17.74 20.42 -67.37
CA UNK O 30 -14.78 18.32 -67.85
CA UNK P 1 -51.07 25.53 -8.82
CA UNK P 2 -50.93 23.23 -11.88
CA UNK P 3 -47.62 21.55 -10.94
CA UNK P 4 -49.27 20.46 -7.68
CA UNK P 5 -52.18 19.01 -9.64
CA UNK P 6 -49.72 17.38 -11.98
CA UNK P 7 -47.49 15.91 -9.26
CA UNK P 8 -50.66 14.54 -7.70
CA UNK P 9 -51.46 12.96 -11.00
CA UNK P 10 -48.03 11.47 -11.74
CA UNK P 11 -47.58 9.83 -8.35
CA UNK P 12 -51.07 8.30 -8.42
CA UNK P 13 -49.52 5.91 -10.88
CA UNK P 14 -46.18 5.28 -9.32
CA UNK P 15 -47.92 2.71 -7.19
CA UNK P 16 -51.00 1.99 -9.18
CA UNK P 17 -48.90 0.73 -12.07
CA UNK P 18 -46.20 -0.83 -9.92
CA UNK P 19 -48.67 -3.03 -8.03
CA UNK P 20 -49.12 -4.92 -11.21
CA UNK P 21 -45.44 -5.61 -11.54
CA UNK P 22 -45.20 -6.70 -7.94
CA UNK P 23 -48.33 -8.77 -7.98
CA UNK P 24 -47.22 -10.70 -11.09
CA UNK P 25 -43.95 -11.68 -9.61
CA UNK P 26 -44.55 -15.16 -8.30
CA UNK P 27 -25.80 22.53 5.10
CA UNK P 28 -25.13 21.67 1.43
CA UNK P 29 -21.42 20.85 1.90
CA UNK P 30 -22.48 18.20 4.42
CA UNK P 31 -24.92 16.76 1.89
CA UNK P 32 -22.21 16.92 -0.73
CA UNK P 33 -19.49 15.31 1.42
CA UNK P 34 -22.01 12.58 2.16
CA UNK P 35 -22.47 12.15 -1.54
CA UNK P 36 -18.78 12.15 -2.54
CA UNK P 37 -17.69 9.60 0.05
CA UNK P 38 -20.53 7.23 -0.80
CA UNK P 39 -18.47 6.49 -3.87
CA UNK P 40 -15.02 6.37 -2.43
CA UNK P 41 -15.77 2.80 -1.49
CA UNK P 42 -18.59 1.97 -3.80
CA UNK P 43 -16.36 2.54 -6.82
CA UNK P 44 -13.21 1.20 -5.21
CA UNK P 45 -14.78 -2.17 -4.41
CA UNK P 46 -14.81 -2.81 -8.08
CA UNK P 47 -11.12 -2.18 -8.40
CA UNK P 48 -10.38 -4.39 -5.45
CA UNK P 49 -12.71 -7.13 -6.42
CA UNK P 50 -11.25 -7.37 -9.96
CA UNK P 51 -7.75 -7.79 -8.73
CA UNK P 52 -7.20 -11.50 -8.81
CA UNK P 53 -14.61 27.80 3.52
CA UNK P 54 -14.50 27.41 -0.28
CA UNK P 55 -10.95 25.99 -0.42
CA UNK P 56 -12.14 23.19 1.86
CA UNK P 57 -15.04 22.51 -0.49
CA UNK P 58 -12.66 22.66 -3.40
CA UNK P 59 -10.01 20.37 -1.87
CA UNK P 60 -12.84 17.95 -1.15
CA UNK P 61 -13.78 18.15 -4.78
CA UNK P 62 -10.29 17.76 -6.26
CA UNK P 63 -9.33 14.73 -4.19
CA UNK P 64 -12.61 12.95 -4.95
CA UNK P 65 -11.05 12.38 -8.33
CA UNK P 66 -7.53 11.53 -7.40
CA UNK P 67 -8.75 8.02 -6.84
CA UNK P 68 -11.90 7.97 -8.84
CA UNK P 69 -9.96 8.65 -12.02
CA UNK P 70 -6.91 6.64 -11.05
CA UNK P 71 -8.92 3.46 -10.48
CA UNK P 72 -9.46 3.38 -14.17
CA UNK P 73 -5.77 3.50 -14.90
CA UNK P 74 -5.07 0.80 -12.37
CA UNK P 75 -7.92 -1.41 -13.39
CA UNK P 76 -6.91 -1.33 -17.08
CA UNK P 77 -3.42 -2.43 -16.39
CA UNK P 78 -3.50 -6.14 -17.03
CA UNK P 79 -6.23 25.63 11.02
CA UNK P 80 -6.03 25.48 7.21
CA UNK P 81 -2.63 23.74 7.07
CA UNK P 82 -4.16 20.91 9.11
CA UNK P 83 -7.03 20.69 6.63
CA UNK P 84 -4.54 20.80 3.82
CA UNK P 85 -2.19 18.16 5.26
CA UNK P 86 -5.27 15.99 5.72
CA UNK P 87 -6.05 16.52 2.10
CA UNK P 88 -2.56 15.89 0.69
CA UNK P 89 -1.98 12.64 2.56
CA UNK P 90 -5.38 11.26 1.59
CA UNK P 91 -3.77 10.75 -1.78
CA UNK P 92 -0.38 9.51 -0.81
CA UNK P 93 -1.96 6.10 -0.53
CA UNK P 94 -5.03 6.50 -2.62
CA UNK P 95 -2.92 7.20 -5.69
CA UNK P 96 -0.11 4.83 -4.77
CA UNK P 97 -2.45 1.83 -4.49
CA UNK P 98 -2.84 2.05 -8.18
CA UNK P 99 0.85 1.85 -8.80
CA UNK P 100 1.19 -1.07 -6.45
CA UNK P 101 -1.82 -2.91 -7.69
CA UNK P 102 -0.67 -2.67 -11.35
CA UNK P 103 2.66 -4.16 -10.63
CA UNK P 104 2.25 -7.79 -11.53
CA UNK P 105 -46.36 50.14 -51.42
CA UNK P 106 -47.70 46.61 -50.81
CA UNK P 107 -50.73 46.94 -53.11
CA UNK P 108 -48.31 47.72 -55.96
CA UNK P 109 -46.32 44.60 -55.10
CA UNK P 110 -49.55 42.67 -54.91
CA UNK P 111 -51.01 43.98 -58.18
CA UNK P 112 -47.70 43.04 -59.77
CA UNK P 113 -48.13 39.58 -58.37
CA UNK P 114 -51.77 39.04 -59.35
CA UNK P 115 -51.35 40.13 -62.96
CA UNK P 116 -48.27 37.97 -63.45
CA UNK P 117 -50.75 35.15 -63.54
CA UNK P 118 -53.51 36.63 -65.58
CA UNK P 119 -51.51 35.61 -68.61
CA UNK P 120 -49.30 32.95 -67.22
CA UNK P 121 -52.31 30.84 -66.32
CA UNK P 122 -54.39 31.85 -69.32
CA UNK P 123 -51.74 30.73 -71.81
CA UNK P 124 -52.49 27.23 -70.76
CA UNK P 125 -56.16 27.60 -71.53
CA UNK P 126 -55.41 29.14 -74.88
CA UNK P 127 -52.71 26.72 -75.82
CA UNK P 128 -54.93 23.68 -75.06
CA UNK P 129 -57.69 24.86 -77.27
CA UNK P 130 -57.13 23.01 -80.49
CA UNK P 131 -57.77 56.23 -54.32
CA UNK P 132 -57.26 55.17 -57.96
CA UNK P 133 -54.80 52.33 -57.20
CA UNK P 134 -57.50 50.78 -55.00
CA UNK P 135 -59.97 51.05 -57.86
CA UNK P 136 -57.37 49.62 -60.17
CA UNK P 137 -56.36 46.71 -57.91
CA UNK P 138 -60.07 45.95 -57.63
CA UNK P 139 -60.24 45.89 -61.38
CA UNK P 140 -57.14 43.75 -62.02
CA UNK P 141 -58.04 41.02 -59.54
CA UNK P 142 -61.60 40.75 -60.83
CA UNK P 143 -59.98 38.98 -63.73
CA UNK P 144 -57.44 36.86 -61.98
CA UNK P 145 -60.23 34.39 -61.40
CA UNK P 146 -62.70 35.37 -64.03
CA UNK P 147 -60.19 34.56 -66.76
CA UNK P 148 -58.61 31.62 -64.97
CA UNK P 149 -61.94 29.80 -64.58
CA UNK P 150 -61.87 29.31 -68.27
CA UNK P 151 -58.48 27.68 -68.19
CA UNK P 152 -59.52 25.43 -65.36
CA UNK P 153 -62.87 24.55 -66.76
CA UNK P 154 -61.37 23.54 -70.14
CA UNK P 155 -58.95 21.16 -68.62
CA UNK P 156 -60.63 17.81 -68.93
CA UNK P 157 -29.48 51.87 -50.44
CA UNK P 158 -29.86 48.77 -48.23
CA UNK P 159 -31.91 46.74 -50.74
CA UNK P 160 -29.01 47.13 -53.19
CA UNK P 161 -26.61 45.87 -50.53
CA UNK P 162 -29.00 43.07 -49.77
CA UNK P 163 -29.59 42.04 -53.40
CA UNK P 164 -25.81 42.00 -53.77
CA UNK P 165 -25.67 39.69 -50.80
CA UNK P 166 -28.45 37.29 -51.84
CA UNK P 167 -27.17 36.74 -55.37
CA UNK P 168 -23.61 36.11 -54.19
CA UNK P 169 -24.99 32.78 -53.09
CA UNK P 170 -27.21 31.91 -55.97
CA UNK P 171 -24.10 30.61 -57.66
CA UNK P 172 -21.82 30.05 -54.77
CA UNK P 173 -24.21 27.49 -53.31
CA UNK P 174 -25.35 26.10 -56.64
CA UNK P 175 -21.81 25.24 -57.74
CA UNK P 176 -21.84 22.61 -55.10
CA UNK P 177 -24.97 21.02 -56.44
CA UNK P 178 -23.62 21.07 -59.95
CA UNK P 179 -20.18 19.87 -59.07
CA UNK P 180 -21.55 16.88 -57.12
CA UNK P 181 -23.61 15.67 -59.97
CA UNK P 182 -21.49 13.02 -61.58
CA UNK P 183 -41.70 58.07 -48.05
CA UNK P 184 -41.66 54.45 -46.80
CA UNK P 185 -44.16 53.13 -49.37
CA UNK P 186 -41.80 54.35 -52.09
CA UNK P 187 -38.94 52.51 -50.42
CA UNK P 188 -41.14 49.48 -50.08
CA UNK P 189 -42.43 49.51 -53.67
CA UNK P 190 -38.79 49.77 -54.73
CA UNK P 191 -38.09 46.73 -52.64
CA UNK P 192 -41.04 44.58 -53.80
CA UNK P 193 -40.47 45.13 -57.51
CA UNK P 194 -36.75 44.38 -57.24
CA UNK P 195 -37.91 40.80 -56.92
CA UNK P 196 -40.65 40.67 -59.47
CA UNK P 197 -37.94 40.08 -62.02
CA UNK P 198 -35.14 38.84 -59.90
CA UNK P 199 -37.20 35.84 -58.81
CA UNK P 200 -38.98 35.40 -62.13
CA UNK P 201 -35.73 35.07 -64.08
CA UNK P 202 -35.25 31.80 -62.35
CA UNK P 203 -38.59 30.50 -63.49
CA UNK P 204 -37.95 31.63 -67.03
CA UNK P 205 -34.42 30.41 -67.18
CA UNK P 206 -35.39 26.91 -65.97
CA UNK P 207 -37.98 26.46 -68.61
CA UNK P 208 -36.21 24.49 -71.29
CA UNK P 209 8.93 54.17 -41.95
CA UNK P 210 7.17 51.31 -43.77
CA UNK P 211 9.71 51.02 -46.61
CA UNK P 212 12.37 50.38 -43.96
CA UNK P 213 10.21 47.66 -42.44
CA UNK P 214 9.61 46.29 -45.90
CA UNK P 215 13.27 46.35 -47.00
CA UNK P 216 14.03 44.54 -43.75
CA UNK P 217 11.47 41.98 -44.70
CA UNK P 218 12.54 41.46 -48.33
CA UNK P 219 16.23 41.00 -47.57
CA UNK P 220 15.53 38.52 -44.77
CA UNK P 221 14.79 36.15 -47.60
CA UNK P 222 17.53 36.99 -50.02
CA UNK P 223 19.71 34.68 -48.00
CA UNK P 224 17.19 32.57 -46.24
CA UNK P 225 15.87 31.28 -49.55
CA UNK P 226 19.22 31.24 -51.31
CA UNK P 227 20.82 28.97 -48.69
CA UNK P 228 18.59 26.26 -49.96
CA UNK P 229 19.80 26.66 -53.49
CA UNK P 230 23.40 26.68 -52.37
CA UNK P 231 23.07 23.84 -49.97
CA UNK P 232 21.44 21.58 -52.60
CA UNK P 233 24.20 22.06 -55.06
CA UNK P 234 26.40 19.05 -54.56
CA UNK P 235 26.41 50.42 -25.74
CA UNK P 236 23.27 49.02 -27.43
CA UNK P 237 24.91 48.37 -30.82
CA UNK P 238 27.39 46.10 -29.01
CA UNK P 239 24.51 44.25 -27.38
CA UNK P 240 22.80 44.06 -30.72
CA UNK P 241 25.86 42.86 -32.68
CA UNK P 242 26.25 40.22 -29.98
CA UNK P 243 22.69 39.22 -30.60
CA UNK P 244 22.79 39.14 -34.41
CA UNK P 245 25.94 37.05 -34.66
CA UNK P 246 24.69 34.51 -32.12
CA UNK P 247 22.50 33.36 -34.97
CA UNK P 248 24.87 33.53 -37.85
CA UNK P 249 26.08 30.14 -36.76
CA UNK P 250 24.88 28.66 -34.39
CA UNK P 251 21.45 28.66 -36.01
CA UNK P 252 22.63 27.42 -39.39
CA UNK P 253 24.23 24.29 -37.92
CA UNK P 254 20.76 23.11 -37.19
CA UNK P 255 19.67 23.49 -40.75
CA UNK P 256 22.76 21.72 -42.00
CA UNK P 257 22.67 18.98 -39.48
CA UNK P 258 19.00 18.15 -40.23
CA UNK P 259 19.62 17.74 -43.89
CA UNK P 260 20.03 14.03 -44.34
CA UNK P 261 -32.22 47.46 -38.67
CA UNK P 262 -35.38 45.32 -38.71
CA UNK P 263 -36.70 46.65 -42.05
CA UNK P 264 -33.45 45.45 -43.64
CA UNK P 265 -33.96 42.02 -42.09
CA UNK P 266 -37.54 42.10 -43.25
CA UNK P 267 -36.78 43.22 -46.82
CA UNK P 268 -34.24 40.40 -46.91
CA UNK P 269 -36.96 38.05 -45.86
CA UNK P 270 -39.67 39.24 -48.27
CA UNK P 271 -38.11 38.27 -51.03
CA UNK P 272 -36.37 35.32 -49.39
CA UNK P 273 -39.42 33.41 -50.51
CA UNK P 274 -39.98 34.82 -53.92
CA UNK P 275 -37.40 32.35 -55.12
CA UNK P 276 -37.44 29.81 -52.38
CA UNK P 277 -41.09 29.03 -53.09
CA UNK P 278 -40.86 29.49 -56.83
CA UNK P 279 -38.07 26.92 -57.21
CA UNK P 280 -40.60 24.34 -56.33
CA UNK P 281 -42.93 25.41 -59.07
CA UNK P 282 -40.12 25.46 -61.57
CA UNK P 283 -38.58 22.24 -60.50
CA UNK P 284 -41.91 20.36 -60.74
CA UNK P 285 -42.52 21.43 -64.25
CA UNK P 286 -41.31 18.51 -66.32
CA UNK P 287 -10.37 62.73 -56.20
CA UNK P 288 -12.48 59.54 -56.40
CA UNK P 289 -12.77 59.51 -60.21
CA UNK P 290 -8.96 59.41 -60.34
CA UNK P 291 -8.96 56.46 -57.94
CA UNK P 292 -11.67 54.85 -60.01
CA UNK P 293 -9.99 55.40 -63.39
CA UNK P 294 -6.88 53.89 -61.83
CA UNK P 295 -8.95 50.92 -60.84
CA UNK P 296 -10.77 50.39 -64.15
CA UNK P 297 -8.06 49.58 -65.90
CA UNK P 298 -6.27 47.99 -62.95
CA UNK P 299 -7.95 44.83 -64.16
CA UNK P 300 -7.56 45.16 -67.87
CA UNK P 301 -4.11 43.72 -67.40
CA UNK P 302 -4.41 42.01 -64.10
CA UNK P 303 -7.10 39.71 -65.47
CA UNK P 304 -5.61 39.43 -68.94
CA UNK P 305 -2.26 38.18 -67.65
CA UNK P 306 -4.03 35.04 -66.69
CA UNK P 307 -5.34 34.49 -70.16
CA UNK P 308 -1.95 35.14 -71.67
CA UNK P 309 -0.04 33.10 -69.19
CA UNK P 310 -2.30 30.04 -69.70
CA UNK P 311 -1.81 30.01 -73.39
CA UNK P 312 0.91 27.48 -73.94
CA UNK Q 1 -43.01 -39.55 -23.37
CA UNK Q 2 -39.18 -39.84 -23.38
CA UNK Q 3 -35.33 -39.88 -23.51
CA UNK Q 4 -31.55 -39.35 -23.94
CA UNK Q 5 -28.13 -37.86 -24.72
CA UNK Q 6 -25.09 -35.56 -24.75
CA UNK Q 7 -23.11 -32.30 -24.84
CA UNK Q 8 -21.30 -29.08 -25.78
CA UNK Q 9 -17.97 -27.84 -27.18
CA UNK Q 10 -14.33 -28.07 -28.30
CA UNK Q 11 -12.46 -28.89 -25.08
CA UNK Q 12 -15.28 -29.81 -22.69
CA UNK Q 13 -17.24 -32.99 -21.96
CA UNK Q 14 -20.99 -33.65 -21.53
CA UNK Q 15 -23.88 -35.38 -19.77
CA UNK Q 16 -27.62 -35.73 -20.42
CA UNK Q 17 -31.25 -36.80 -19.86
CA UNK Q 18 -34.28 -35.89 -21.97
CA UNK Q 19 -37.60 -35.93 -20.09
CA UNK Q 20 -40.89 -35.69 -22.02
CA UNK Q 21 -43.84 -36.06 -24.40
CA UNK Q 22 -42.56 -32.70 -25.67
CA UNK Q 23 -40.38 -31.23 -22.90
CA UNK Q 24 -40.57 -31.49 -19.11
CA UNK Q 25 -37.42 -32.87 -17.43
CA UNK Q 26 -33.78 -31.78 -17.73
CA UNK Q 27 -30.90 -33.73 -16.18
CA UNK Q 28 -27.18 -34.42 -15.73
CA UNK Q 29 -28.05 -36.68 -12.78
CA UNK Q 30 -30.10 -33.93 -11.11
CA UNK Q 31 -31.72 -30.69 -12.31
CA UNK Q 32 -32.02 -27.55 -14.43
CA UNK Q 33 -34.01 -24.67 -15.96
CA UNK Q 34 -32.89 -22.62 -18.97
CA UNK Q 35 -33.25 -20.44 -22.08
CA UNK Q 36 -36.80 -20.86 -23.43
CA UNK Q 37 -39.67 -22.14 -25.57
CA UNK Q 38 -36.75 -23.79 -27.39
CA UNK Q 39 -38.15 -27.10 -26.10
CA UNK Q 40 -39.49 -29.11 -29.04
CA UNK Q 41 -38.69 -31.31 -32.06
CA UNK Q 42 -41.64 -55.71 -30.25
CA UNK Q 43 -40.34 -52.42 -31.75
CA UNK Q 44 -38.09 -50.10 -33.81
CA UNK Q 45 -36.32 -46.80 -34.67
CA UNK Q 46 -33.91 -44.31 -36.29
CA UNK Q 47 -32.26 -40.88 -36.02
CA UNK Q 48 -32.54 -37.09 -35.80
CA UNK Q 49 -32.54 -35.16 -32.51
CA UNK Q 50 -31.84 -32.42 -29.95
CA UNK Q 51 -28.79 -30.35 -28.96
CA UNK Q 52 -28.23 -39.71 -33.59
CA UNK Q 53 -30.13 -42.59 -31.97
CA UNK Q 54 -32.21 -45.57 -30.81
CA UNK Q 55 -35.12 -47.80 -29.66
CA UNK Q 56 -38.91 -47.92 -29.27
CA UNK Q 57 -42.11 -48.59 -27.31
CA UNK Q 58 -45.54 -49.59 -25.97
CA UNK Q 59 -49.25 -49.76 -25.11
CA UNK Q 60 -50.65 -50.16 -28.63
CA UNK Q 61 -55.68 -43.73 -29.70
CA UNK Q 62 -53.17 -43.72 -26.83
CA UNK Q 63 -51.10 -44.17 -23.66
CA UNK Q 64 -47.45 -45.27 -23.49
CA UNK Q 65 -43.80 -44.76 -24.48
CA UNK Q 66 -40.37 -44.38 -26.11
CA UNK Q 67 -36.61 -44.00 -25.66
CA UNK Q 68 -33.17 -43.29 -27.16
CA UNK Q 69 -29.48 -42.57 -27.78
CA UNK Q 70 -26.15 -41.69 -29.41
CA UNK Q 71 -23.16 -39.65 -30.65
CA UNK Q 72 -20.57 -37.61 -32.54
CA UNK Q 73 -18.16 -34.68 -32.97
CA UNK Q 74 -15.96 -32.10 -34.72
CA UNK Q 75 -12.63 -30.45 -33.84
CA UNK Q 76 -9.74 -28.03 -33.31
CA UNK Q 77 -45.90 -39.82 -25.99
CA UNK Q 78 -45.25 -36.92 -28.42
CA UNK Q 79 -43.36 -34.43 -30.65
CA UNK Q 80 -43.04 -31.79 -33.43
CA UNK Q 81 -41.60 -30.76 -36.80
CA UNK Q 82 -41.53 -34.29 -38.20
CA UNK Q 83 -38.81 -34.16 -40.89
CA UNK Q 84 -36.55 -36.74 -42.55
CA UNK Q 85 -37.14 -40.41 -41.70
CA UNK Q 86 -37.84 -43.60 -39.73
CA UNK Q 87 -39.00 -46.95 -38.33
CA UNK Q 88 -40.47 -50.16 -36.87
CA UNK Q 89 -41.83 -53.64 -36.12
CA UNK Q 90 -42.73 -56.99 -34.51
CA UNK Q 91 -45.61 -57.96 -32.22
CA UNK Q 92 -48.49 -56.11 -33.89
CA UNK Q 93 -51.93 -54.57 -34.50
CA UNK Q 94 -54.25 -51.69 -35.48
CA UNK Q 95 -55.39 -48.09 -35.00
CA UNK Q 96 -57.81 -45.31 -34.01
CA UNK Q 97 -57.78 -41.58 -34.81
CA UNK Q 98 -55.89 -39.08 -36.98
CA UNK Q 99 -42.32 -59.79 -38.30
CA UNK Q 100 -41.70 -57.02 -40.89
CA UNK Q 101 -42.11 -53.24 -41.37
CA UNK Q 102 -42.17 -49.43 -41.88
CA UNK Q 103 -42.05 -45.62 -42.03
CA UNK Q 104 -42.67 -41.89 -42.53
CA UNK Q 105 -45.23 -39.57 -40.91
CA UNK Q 106 -46.80 -36.84 -38.77
CA UNK Q 107 -44.54 -35.48 -36.01
CA UNK Q 108 -50.36 -40.52 -37.00
CA UNK Q 109 -50.44 -42.43 -40.31
CA UNK Q 110 -49.94 -44.09 -43.70
CA UNK Q 111 -49.49 -47.29 -45.72
CA UNK Q 112 -46.96 -49.58 -47.42
CA UNK Q 113 -49.18 -52.45 -46.26
CA UNK Q 114 -50.30 -54.66 -43.36
CA UNK Q 115 -53.64 -53.67 -41.80
CA UNK R 1 -20.49 -17.69 -81.95
CA UNK R 2 -17.69 -16.03 -83.95
CA UNK R 3 -16.69 -12.40 -84.52
CA UNK R 4 -17.06 -8.61 -84.18
CA UNK R 5 -18.50 -5.19 -82.96
CA UNK R 6 -17.76 -1.85 -81.49
CA UNK R 7 -20.97 -0.50 -79.83
CA UNK R 8 -20.49 3.16 -79.69
CA UNK R 9 -19.61 5.87 -77.18
CA UNK R 10 -23.27 6.65 -76.52
CA UNK R 11 -24.36 2.63 -76.36
CA UNK R 12 -22.39 2.14 -73.40
CA UNK R 13 -24.01 4.90 -71.35
CA UNK R 14 -27.44 3.47 -72.26
CA UNK R 15 -26.29 0.20 -71.48
CA UNK R 16 -25.11 1.24 -67.87
CA UNK R 17 -28.46 2.81 -66.96
CA UNK R 18 -30.30 -0.47 -67.88
CA UNK R 19 -27.80 -2.33 -65.75
CA UNK R 20 -28.33 0.07 -62.90
CA UNK R 21 -32.11 -0.19 -63.04
CA UNK R 22 -32.43 -3.91 -63.73
CA UNK R 23 -28.71 -4.27 -62.81
CA UNK R 24 -27.35 -3.30 -59.42
CA UNK R 25 -28.44 -6.45 -57.61
CA UNK R 26 -25.99 -8.32 -59.77
CA UNK R 27 -26.31 -11.72 -57.96
CA UNK R 28 -29.15 -13.13 -55.83
CA UNK R 29 -27.14 -16.34 -55.58
CA UNK R 30 -23.50 -17.11 -56.29
CA UNK R 31 -23.23 -16.72 -60.06
CA UNK R 32 -21.71 -14.28 -62.35
CA UNK R 33 -18.85 -13.20 -64.45
CA UNK R 34 -16.73 -14.75 -67.41
CA UNK R 35 -18.27 -18.21 -67.77
CA UNK R 36 -19.79 -17.24 -71.12
CA UNK R 37 -20.32 -14.12 -73.12
CA UNK R 38 -21.36 -12.71 -76.50
CA UNK R 39 -23.68 -10.68 -78.69
CA UNK R 40 -25.53 -13.64 -80.05
CA UNK R 41 -25.54 -15.47 -76.73
CA UNK R 42 -26.63 -12.42 -74.76
CA UNK R 43 -29.36 -11.66 -77.23
CA UNK R 44 -31.00 -14.93 -76.86
CA UNK R 45 -30.15 -15.50 -73.25
CA UNK R 46 -31.21 -11.96 -72.42
CA UNK R 47 -34.89 -12.60 -72.86
CA UNK R 48 -34.98 -16.38 -72.50
CA UNK R 49 -33.33 -17.17 -69.05
CA UNK R 50 -32.13 -20.64 -68.03
CA UNK R 51 -30.08 -22.64 -65.55
CA UNK R 52 -26.61 -23.54 -66.34
CA UNK R 53 -28.30 -26.69 -67.64
CA UNK R 54 -32.03 -26.53 -68.31
CA UNK R 55 -34.72 -25.38 -66.29
CA UNK R 56 -36.95 -22.74 -67.94
CA UNK R 57 -35.38 -19.30 -67.45
CA UNK R 58 -38.55 -18.01 -65.88
CA UNK R 59 -38.00 -15.22 -63.39
CA UNK R 60 -36.52 -12.76 -65.97
CA UNK R 61 -38.02 -11.45 -68.91
CA UNK R 62 -41.37 -11.99 -70.62
CA UNK R 63 -44.65 -12.42 -68.68
CA UNK R 64 -45.22 -9.09 -68.22
CA UNK R 65 -43.18 -8.71 -64.97
CA UNK R 66 -43.70 -5.02 -64.56
CA UNK R 67 -40.35 -3.75 -66.34
CA UNK R 68 -41.07 -4.65 -69.95
CA UNK R 69 -41.09 -1.57 -72.23
CA UNK R 70 -38.55 -2.43 -75.26
CA UNK R 71 -34.81 -1.75 -75.08
CA UNK R 72 -32.14 -2.02 -77.78
CA UNK R 73 -30.59 -1.59 -74.53
CA UNK R 74 -30.55 -5.34 -73.89
CA UNK R 75 -28.17 -5.20 -76.85
CA UNK R 76 -26.90 -1.90 -75.62
CA UNK R 77 -26.63 -3.23 -72.07
CA UNK R 78 -24.80 -6.33 -73.17
CA UNK R 79 -22.21 -4.26 -75.04
CA UNK R 80 -21.66 -2.08 -71.97
CA UNK R 81 -21.51 -5.14 -69.78
CA UNK R 82 -18.77 -6.81 -71.91
CA UNK R 83 -16.72 -3.61 -71.73
CA UNK R 84 -17.18 -2.97 -68.02
CA UNK R 85 -17.17 -6.52 -66.79
CA UNK R 86 -13.81 -7.48 -68.38
CA UNK R 87 -12.07 -4.14 -67.52
#